data_6MB6
#
_entry.id   6MB6
#
_cell.length_a   83.797
_cell.length_b   80.741
_cell.length_c   103.546
_cell.angle_alpha   90.000
_cell.angle_beta   108.420
_cell.angle_gamma   90.000
#
_symmetry.space_group_name_H-M   'P 1 21 1'
#
loop_
_entity.id
_entity.type
_entity.pdbx_description
1 polymer 'Aac(3)-IIIb protein'
2 non-polymer 'COENZYME A'
3 non-polymer 'MALONATE ION'
4 water water
#
_entity_poly.entity_id   1
_entity_poly.type   'polypeptide(L)'
_entity_poly.pdbx_seq_one_letter_code
;MTSATASFATRTSLAADLAALGLAWGDAIMVHAAVSRVGRLLDGPDTIIAALRDTVGPGGTVLAYADWEARYEDLVDDAG
RVPPEWREHVPPFDPQRSRAIRDNGVLPEFLRTTPGTLRSGNPGASLVALGAKAEWFTADHPLDYGYGEGSPLAKLVEAG
GKVLMLGAPLDTLTLLHHAEHLADIPGKRIKRIEVPFATPTGTQWRMIEEFDTGDPIVAGLAEDYFAGIVTEFLASGQGR
QGLIGAAPSVLVDAAAITAFGVTWLEKRFGTPSP
;
_entity_poly.pdbx_strand_id   A,B,C,D
#
# COMPACT_ATOMS: atom_id res chain seq x y z
N SER A 7 -2.45 0.12 -35.44
CA SER A 7 -3.74 0.59 -34.97
C SER A 7 -3.86 0.48 -33.45
N PHE A 8 -2.98 -0.32 -32.83
CA PHE A 8 -2.95 -0.38 -31.38
C PHE A 8 -2.48 0.96 -30.80
N ALA A 9 -3.19 1.43 -29.79
CA ALA A 9 -2.70 2.54 -28.97
C ALA A 9 -1.87 1.93 -27.85
N THR A 10 -0.68 2.47 -27.65
CA THR A 10 0.25 1.90 -26.68
C THR A 10 0.42 2.82 -25.48
N ARG A 11 1.07 2.25 -24.47
CA ARG A 11 1.48 2.99 -23.30
C ARG A 11 2.29 4.22 -23.68
N THR A 12 3.16 4.08 -24.68
CA THR A 12 3.98 5.20 -25.12
C THR A 12 3.16 6.24 -25.87
N SER A 13 2.29 5.79 -26.78
CA SER A 13 1.55 6.74 -27.61
C SER A 13 0.54 7.53 -26.77
N LEU A 14 -0.08 6.88 -25.78
CA LEU A 14 -1.02 7.60 -24.92
C LEU A 14 -0.29 8.59 -24.02
N ALA A 15 0.91 8.22 -23.55
CA ALA A 15 1.71 9.14 -22.74
C ALA A 15 2.07 10.38 -23.53
N ALA A 16 2.38 10.22 -24.83
CA ALA A 16 2.67 11.37 -25.68
C ALA A 16 1.43 12.24 -25.85
N ASP A 17 0.26 11.63 -26.08
CA ASP A 17 -0.97 12.39 -26.18
C ASP A 17 -1.24 13.16 -24.89
N LEU A 18 -0.95 12.55 -23.74
CA LEU A 18 -1.20 13.20 -22.47
C LEU A 18 -0.28 14.40 -22.25
N ALA A 19 1.00 14.25 -22.60
CA ALA A 19 1.93 15.37 -22.50
C ALA A 19 1.53 16.49 -23.46
N ALA A 20 1.10 16.13 -24.67
CA ALA A 20 0.67 17.14 -25.63
C ALA A 20 -0.52 17.93 -25.11
N LEU A 21 -1.40 17.28 -24.37
CA LEU A 21 -2.59 17.94 -23.84
C LEU A 21 -2.28 18.82 -22.62
N GLY A 22 -1.18 18.57 -21.92
CA GLY A 22 -0.81 19.43 -20.82
C GLY A 22 -0.49 18.72 -19.51
N LEU A 23 -0.61 17.40 -19.48
CA LEU A 23 -0.26 16.66 -18.28
C LEU A 23 1.25 16.69 -18.08
N ALA A 24 1.67 17.04 -16.87
CA ALA A 24 3.06 17.37 -16.58
C ALA A 24 3.59 16.52 -15.44
N TRP A 25 4.92 16.40 -15.40
CA TRP A 25 5.61 15.74 -14.31
C TRP A 25 5.16 16.28 -12.96
N GLY A 26 4.81 15.38 -12.05
CA GLY A 26 4.42 15.76 -10.71
C GLY A 26 2.98 16.17 -10.52
N ASP A 27 2.17 16.17 -11.57
CA ASP A 27 0.78 16.57 -11.45
C ASP A 27 -0.02 15.57 -10.63
N ALA A 28 -1.04 16.07 -9.94
CA ALA A 28 -2.08 15.24 -9.35
C ALA A 28 -3.26 15.27 -10.30
N ILE A 29 -3.56 14.15 -10.93
CA ILE A 29 -4.51 14.09 -12.04
C ILE A 29 -5.63 13.12 -11.69
N MET A 30 -6.86 13.64 -11.70
CA MET A 30 -8.07 12.86 -11.51
C MET A 30 -8.69 12.59 -12.87
N VAL A 31 -9.08 11.34 -13.12
CA VAL A 31 -9.44 10.89 -14.46
C VAL A 31 -10.89 10.42 -14.49
N HIS A 32 -11.65 10.92 -15.46
CA HIS A 32 -12.95 10.39 -15.82
C HIS A 32 -12.86 9.90 -17.26
N ALA A 33 -13.04 8.61 -17.46
CA ALA A 33 -12.74 7.99 -18.75
C ALA A 33 -13.95 7.23 -19.29
N ALA A 34 -14.10 7.28 -20.60
CA ALA A 34 -14.97 6.37 -21.35
C ALA A 34 -14.00 5.53 -22.16
N VAL A 35 -13.57 4.40 -21.57
CA VAL A 35 -12.41 3.66 -22.07
C VAL A 35 -12.61 3.20 -23.51
N SER A 36 -13.85 2.87 -23.89
CA SER A 36 -14.09 2.36 -25.22
C SER A 36 -13.77 3.39 -26.30
N ARG A 37 -13.82 4.68 -25.97
CA ARG A 37 -13.56 5.72 -26.96
C ARG A 37 -12.07 5.97 -27.19
N VAL A 38 -11.20 5.43 -26.34
CA VAL A 38 -9.77 5.63 -26.51
C VAL A 38 -9.25 4.88 -27.72
N GLY A 39 -9.94 3.82 -28.12
CA GLY A 39 -9.55 2.99 -29.23
C GLY A 39 -8.97 1.66 -28.78
N ARG A 40 -8.29 1.01 -29.72
CA ARG A 40 -7.73 -0.31 -29.50
C ARG A 40 -6.57 -0.19 -28.51
N LEU A 41 -6.70 -0.81 -27.34
CA LEU A 41 -5.67 -0.68 -26.30
C LEU A 41 -4.93 -1.99 -26.11
N LEU A 42 -3.60 -1.89 -26.01
CA LEU A 42 -2.77 -3.08 -25.99
C LEU A 42 -2.88 -3.83 -24.67
N ASP A 43 -3.03 -3.11 -23.56
CA ASP A 43 -3.23 -3.71 -22.25
C ASP A 43 -4.56 -3.28 -21.63
N GLY A 44 -5.59 -3.10 -22.46
CA GLY A 44 -6.89 -2.69 -22.01
C GLY A 44 -6.87 -1.38 -21.26
N PRO A 45 -7.75 -1.23 -20.26
CA PRO A 45 -7.74 0.00 -19.45
C PRO A 45 -6.44 0.20 -18.69
N ASP A 46 -5.70 -0.87 -18.42
CA ASP A 46 -4.43 -0.74 -17.70
C ASP A 46 -3.43 0.08 -18.50
N THR A 47 -3.56 0.12 -19.83
CA THR A 47 -2.70 0.98 -20.64
C THR A 47 -2.91 2.45 -20.29
N ILE A 48 -4.17 2.83 -20.05
CA ILE A 48 -4.49 4.21 -19.68
C ILE A 48 -3.83 4.56 -18.34
N ILE A 49 -3.98 3.67 -17.36
CA ILE A 49 -3.38 3.91 -16.04
C ILE A 49 -1.87 4.02 -16.16
N ALA A 50 -1.25 3.11 -16.92
CA ALA A 50 0.20 3.15 -17.09
C ALA A 50 0.66 4.44 -17.76
N ALA A 51 -0.03 4.85 -18.82
CA ALA A 51 0.35 6.07 -19.53
C ALA A 51 0.24 7.29 -18.62
N LEU A 52 -0.79 7.34 -17.78
CA LEU A 52 -0.93 8.44 -16.83
C LEU A 52 0.22 8.47 -15.84
N ARG A 53 0.61 7.29 -15.34
CA ARG A 53 1.72 7.24 -14.39
C ARG A 53 3.04 7.58 -15.07
N ASP A 54 3.23 7.14 -16.31
CA ASP A 54 4.45 7.48 -17.03
C ASP A 54 4.61 8.98 -17.19
N THR A 55 3.52 9.68 -17.51
CA THR A 55 3.60 11.12 -17.75
C THR A 55 3.82 11.89 -16.46
N VAL A 56 3.20 11.44 -15.38
N VAL A 56 3.17 11.48 -15.37
CA VAL A 56 3.16 12.20 -14.14
CA VAL A 56 3.23 12.28 -14.14
C VAL A 56 4.33 11.85 -13.21
C VAL A 56 4.42 11.91 -13.26
N GLY A 57 4.98 10.71 -13.42
CA GLY A 57 6.16 10.33 -12.66
C GLY A 57 5.86 9.86 -11.26
N PRO A 58 6.87 9.32 -10.59
CA PRO A 58 6.66 8.81 -9.22
C PRO A 58 6.25 9.88 -8.23
N GLY A 59 6.56 11.15 -8.49
CA GLY A 59 6.15 12.24 -7.62
C GLY A 59 4.73 12.73 -7.81
N GLY A 60 4.07 12.33 -8.89
CA GLY A 60 2.69 12.70 -9.13
C GLY A 60 1.72 11.67 -8.58
N THR A 61 0.43 11.96 -8.74
CA THR A 61 -0.62 11.09 -8.23
C THR A 61 -1.75 11.01 -9.24
N VAL A 62 -2.26 9.79 -9.43
CA VAL A 62 -3.38 9.52 -10.33
C VAL A 62 -4.58 9.16 -9.46
N LEU A 63 -5.70 9.84 -9.69
CA LEU A 63 -6.90 9.65 -8.88
C LEU A 63 -8.11 9.37 -9.76
N ALA A 64 -9.13 8.78 -9.13
CA ALA A 64 -10.41 8.57 -9.77
C ALA A 64 -11.49 8.52 -8.70
N TYR A 65 -12.73 8.75 -9.13
CA TYR A 65 -13.89 8.69 -8.25
C TYR A 65 -14.38 7.25 -8.14
N ALA A 66 -14.37 6.71 -6.92
CA ALA A 66 -14.71 5.31 -6.70
C ALA A 66 -16.18 5.08 -6.37
N ASP A 67 -16.72 5.82 -5.40
CA ASP A 67 -18.07 5.56 -4.87
C ASP A 67 -18.07 4.11 -4.35
N TRP A 68 -19.21 3.43 -4.33
CA TRP A 68 -19.23 2.00 -4.06
C TRP A 68 -20.56 1.41 -4.48
N GLU A 69 -20.56 0.11 -4.75
CA GLU A 69 -21.81 -0.57 -5.10
C GLU A 69 -22.58 -0.92 -3.85
N ALA A 70 -23.62 -0.13 -3.59
CA ALA A 70 -24.51 -0.29 -2.45
C ALA A 70 -25.92 -0.54 -2.97
N ARG A 71 -26.19 -1.73 -3.50
CA ARG A 71 -27.52 -2.06 -3.97
C ARG A 71 -28.57 -2.01 -2.86
N TYR A 72 -28.14 -2.15 -1.59
CA TYR A 72 -29.08 -2.13 -0.48
C TYR A 72 -29.87 -0.84 -0.35
N GLU A 73 -29.45 0.23 -1.01
CA GLU A 73 -30.15 1.51 -0.86
C GLU A 73 -31.57 1.42 -1.42
N ASP A 74 -31.83 0.47 -2.31
CA ASP A 74 -33.19 0.23 -2.79
C ASP A 74 -34.12 -0.29 -1.70
N LEU A 75 -33.60 -0.66 -0.52
CA LEU A 75 -34.42 -1.19 0.56
C LEU A 75 -34.64 -0.24 1.72
N VAL A 76 -34.03 0.94 1.72
CA VAL A 76 -34.09 1.80 2.90
C VAL A 76 -35.42 2.54 2.94
N ASP A 77 -35.78 2.99 4.13
CA ASP A 77 -37.08 3.63 4.33
C ASP A 77 -36.91 5.12 4.02
N ASP A 78 -37.91 5.92 4.35
CA ASP A 78 -37.85 7.33 3.98
C ASP A 78 -36.88 8.10 4.87
N ALA A 79 -36.51 7.54 6.02
CA ALA A 79 -35.43 8.04 6.86
C ALA A 79 -34.05 7.60 6.38
N GLY A 80 -33.96 6.76 5.36
CA GLY A 80 -32.68 6.29 4.89
C GLY A 80 -32.10 5.14 5.68
N ARG A 81 -32.90 4.48 6.51
CA ARG A 81 -32.45 3.40 7.36
C ARG A 81 -32.83 2.05 6.79
N VAL A 82 -31.99 1.07 7.08
CA VAL A 82 -32.18 -0.29 6.59
C VAL A 82 -33.17 -1.01 7.50
N PRO A 83 -34.18 -1.67 6.94
CA PRO A 83 -35.10 -2.43 7.79
C PRO A 83 -34.35 -3.50 8.56
N PRO A 84 -34.76 -3.79 9.79
CA PRO A 84 -34.02 -4.77 10.60
C PRO A 84 -33.91 -6.14 9.95
N GLU A 85 -34.90 -6.52 9.16
CA GLU A 85 -34.89 -7.81 8.47
C GLU A 85 -33.73 -7.94 7.49
N TRP A 86 -33.22 -6.82 6.97
CA TRP A 86 -32.15 -6.85 5.98
C TRP A 86 -30.79 -6.48 6.56
N ARG A 87 -30.75 -5.95 7.78
CA ARG A 87 -29.54 -5.30 8.30
C ARG A 87 -28.32 -6.22 8.29
N GLU A 88 -28.51 -7.51 8.52
CA GLU A 88 -27.36 -8.41 8.59
C GLU A 88 -27.06 -9.08 7.27
N HIS A 89 -27.75 -8.68 6.20
CA HIS A 89 -27.46 -9.18 4.87
C HIS A 89 -26.78 -8.14 4.00
N VAL A 90 -26.62 -6.92 4.50
CA VAL A 90 -26.02 -5.83 3.72
C VAL A 90 -24.50 -5.92 3.89
N PRO A 91 -23.74 -6.08 2.82
CA PRO A 91 -22.29 -6.12 2.94
C PRO A 91 -21.76 -4.77 3.39
N PRO A 92 -21.00 -4.73 4.47
CA PRO A 92 -20.51 -3.45 4.97
C PRO A 92 -19.36 -2.92 4.11
N PHE A 93 -19.20 -1.60 4.14
CA PHE A 93 -18.16 -0.98 3.34
C PHE A 93 -16.79 -1.24 3.95
N ASP A 94 -15.86 -1.68 3.10
CA ASP A 94 -14.46 -1.86 3.47
C ASP A 94 -13.68 -1.17 2.36
N PRO A 95 -12.92 -0.11 2.67
CA PRO A 95 -12.25 0.64 1.60
C PRO A 95 -11.29 -0.20 0.76
N GLN A 96 -10.79 -1.30 1.30
CA GLN A 96 -9.83 -2.14 0.60
C GLN A 96 -10.51 -3.25 -0.22
N ARG A 97 -11.79 -3.51 -0.02
CA ARG A 97 -12.40 -4.65 -0.71
C ARG A 97 -13.65 -4.26 -1.49
N SER A 98 -14.38 -3.26 -1.01
CA SER A 98 -15.60 -2.84 -1.69
C SER A 98 -15.29 -2.36 -3.10
N ARG A 99 -16.10 -2.80 -4.06
CA ARG A 99 -15.89 -2.44 -5.44
C ARG A 99 -16.20 -0.97 -5.68
N ALA A 100 -15.57 -0.42 -6.70
CA ALA A 100 -15.99 0.89 -7.19
C ALA A 100 -17.35 0.72 -7.85
N ILE A 101 -18.17 1.79 -7.79
CA ILE A 101 -19.48 1.70 -8.39
C ILE A 101 -19.34 1.44 -9.88
N ARG A 102 -20.33 0.71 -10.44
CA ARG A 102 -20.24 0.31 -11.82
C ARG A 102 -20.67 1.42 -12.77
N ASP A 103 -21.36 2.42 -12.24
CA ASP A 103 -21.77 3.57 -13.03
C ASP A 103 -20.58 4.41 -13.44
N ASN A 104 -19.48 4.35 -12.70
CA ASN A 104 -18.31 5.19 -12.99
C ASN A 104 -17.38 4.58 -14.01
N GLY A 105 -17.73 3.45 -14.60
CA GLY A 105 -16.89 2.92 -15.65
C GLY A 105 -15.89 1.91 -15.13
N VAL A 106 -15.15 1.34 -16.07
CA VAL A 106 -14.19 0.30 -15.71
C VAL A 106 -12.96 0.92 -15.04
N LEU A 107 -12.60 2.16 -15.39
CA LEU A 107 -11.31 2.71 -14.98
C LEU A 107 -11.16 2.88 -13.47
N PRO A 108 -12.12 3.45 -12.73
CA PRO A 108 -11.92 3.57 -11.27
C PRO A 108 -11.67 2.23 -10.59
N GLU A 109 -12.39 1.18 -11.01
CA GLU A 109 -12.18 -0.14 -10.42
C GLU A 109 -10.83 -0.72 -10.82
N PHE A 110 -10.43 -0.53 -12.08
CA PHE A 110 -9.11 -0.99 -12.52
C PHE A 110 -8.00 -0.23 -11.78
N LEU A 111 -8.20 1.06 -11.53
CA LEU A 111 -7.23 1.80 -10.74
C LEU A 111 -7.24 1.35 -9.29
N ARG A 112 -8.43 1.06 -8.74
CA ARG A 112 -8.53 0.64 -7.35
C ARG A 112 -7.76 -0.65 -7.10
N THR A 113 -7.78 -1.58 -8.07
CA THR A 113 -7.09 -2.85 -7.93
C THR A 113 -5.68 -2.83 -8.52
N THR A 114 -5.14 -1.66 -8.82
CA THR A 114 -3.72 -1.57 -9.13
C THR A 114 -2.94 -1.56 -7.84
N PRO A 115 -1.96 -2.44 -7.67
CA PRO A 115 -1.21 -2.49 -6.39
C PRO A 115 -0.61 -1.13 -6.04
N GLY A 116 -0.83 -0.71 -4.80
CA GLY A 116 -0.39 0.57 -4.32
C GLY A 116 -1.48 1.62 -4.24
N THR A 117 -2.62 1.38 -4.91
CA THR A 117 -3.70 2.35 -4.89
C THR A 117 -4.42 2.31 -3.54
N LEU A 118 -4.68 3.50 -2.99
CA LEU A 118 -5.41 3.65 -1.75
C LEU A 118 -6.81 4.17 -2.03
N ARG A 119 -7.72 3.96 -1.08
CA ARG A 119 -9.11 4.32 -1.25
C ARG A 119 -9.62 4.97 0.03
N SER A 120 -10.25 6.13 -0.10
CA SER A 120 -10.66 6.90 1.06
C SER A 120 -11.88 6.28 1.73
N GLY A 121 -12.16 6.73 2.96
CA GLY A 121 -13.07 6.06 3.87
C GLY A 121 -14.53 6.44 3.80
N ASN A 122 -14.89 7.51 3.08
CA ASN A 122 -16.29 7.87 2.92
C ASN A 122 -16.82 7.10 1.72
N PRO A 123 -17.71 6.11 1.90
CA PRO A 123 -18.02 5.17 0.82
C PRO A 123 -18.56 5.84 -0.44
N GLY A 124 -19.64 6.60 -0.31
CA GLY A 124 -20.25 7.22 -1.48
C GLY A 124 -19.38 8.25 -2.15
N ALA A 125 -18.56 8.96 -1.35
CA ALA A 125 -17.67 9.99 -1.87
C ALA A 125 -16.23 9.51 -2.04
N SER A 126 -15.99 8.21 -1.87
CA SER A 126 -14.62 7.71 -1.84
C SER A 126 -13.89 7.96 -3.14
N LEU A 127 -12.63 8.37 -3.03
CA LEU A 127 -11.73 8.46 -4.16
C LEU A 127 -10.63 7.41 -4.03
N VAL A 128 -10.08 7.01 -5.16
CA VAL A 128 -8.89 6.17 -5.20
C VAL A 128 -7.73 7.04 -5.65
N ALA A 129 -6.56 6.80 -5.07
CA ALA A 129 -5.37 7.58 -5.39
C ALA A 129 -4.16 6.65 -5.44
N LEU A 130 -3.27 6.92 -6.39
CA LEU A 130 -2.07 6.12 -6.59
C LEU A 130 -0.92 7.06 -6.86
N GLY A 131 0.07 7.09 -5.98
CA GLY A 131 1.21 7.94 -6.21
C GLY A 131 1.69 8.58 -4.91
N ALA A 132 2.43 9.69 -5.09
CA ALA A 132 3.23 10.25 -4.01
C ALA A 132 2.36 10.76 -2.84
N LYS A 133 1.23 11.39 -3.13
CA LYS A 133 0.37 11.93 -2.07
C LYS A 133 -0.94 11.14 -1.91
N ALA A 134 -0.93 9.87 -2.29
CA ALA A 134 -2.13 9.05 -2.17
C ALA A 134 -2.58 8.93 -0.72
N GLU A 135 -1.63 8.80 0.21
CA GLU A 135 -1.97 8.69 1.63
C GLU A 135 -2.67 9.94 2.12
N TRP A 136 -2.16 11.11 1.74
CA TRP A 136 -2.79 12.36 2.15
C TRP A 136 -4.17 12.52 1.55
N PHE A 137 -4.33 12.20 0.25
CA PHE A 137 -5.62 12.37 -0.41
C PHE A 137 -6.69 11.49 0.23
N THR A 138 -6.33 10.28 0.64
CA THR A 138 -7.31 9.30 1.11
C THR A 138 -7.42 9.23 2.63
N ALA A 139 -6.67 10.04 3.36
CA ALA A 139 -6.71 9.99 4.81
C ALA A 139 -7.85 10.84 5.36
N ASP A 140 -8.53 10.30 6.36
CA ASP A 140 -9.48 11.06 7.19
C ASP A 140 -10.56 11.72 6.35
N HIS A 141 -11.14 10.99 5.41
CA HIS A 141 -12.25 11.52 4.64
C HIS A 141 -13.45 11.71 5.56
N PRO A 142 -13.90 12.94 5.79
CA PRO A 142 -15.05 13.15 6.69
C PRO A 142 -16.29 12.43 6.17
N LEU A 143 -16.97 11.76 7.10
CA LEU A 143 -18.12 10.92 6.74
C LEU A 143 -19.36 11.75 6.44
N ASP A 144 -19.53 12.88 7.10
CA ASP A 144 -20.61 13.81 6.78
C ASP A 144 -20.10 14.90 5.85
N TYR A 145 -20.93 15.24 4.86
CA TYR A 145 -20.59 16.25 3.85
C TYR A 145 -19.20 15.98 3.29
N GLY A 146 -19.02 14.76 2.80
CA GLY A 146 -17.75 14.26 2.31
C GLY A 146 -17.31 14.78 0.96
N TYR A 147 -18.03 15.76 0.42
CA TYR A 147 -17.60 16.49 -0.76
C TYR A 147 -17.16 17.91 -0.42
N GLY A 148 -17.04 18.23 0.86
CA GLY A 148 -16.73 19.58 1.28
C GLY A 148 -15.34 19.77 1.86
N GLU A 149 -15.26 20.50 2.97
CA GLU A 149 -13.99 20.83 3.57
C GLU A 149 -13.29 19.58 4.09
N GLY A 150 -11.99 19.49 3.84
CA GLY A 150 -11.20 18.35 4.29
C GLY A 150 -11.39 17.08 3.48
N SER A 151 -12.13 17.13 2.38
CA SER A 151 -12.37 15.98 1.53
C SER A 151 -11.24 15.80 0.52
N PRO A 152 -11.13 14.63 -0.11
CA PRO A 152 -10.15 14.49 -1.20
C PRO A 152 -10.32 15.51 -2.30
N LEU A 153 -11.57 15.86 -2.64
CA LEU A 153 -11.80 16.87 -3.67
C LEU A 153 -11.25 18.22 -3.22
N ALA A 154 -11.45 18.57 -1.95
CA ALA A 154 -10.86 19.80 -1.43
C ALA A 154 -9.34 19.77 -1.48
N LYS A 155 -8.76 18.61 -1.17
CA LYS A 155 -7.31 18.47 -1.23
C LYS A 155 -6.78 18.55 -2.65
N LEU A 156 -7.54 18.04 -3.62
CA LEU A 156 -7.14 18.17 -5.02
C LEU A 156 -7.05 19.62 -5.43
N VAL A 157 -8.02 20.45 -5.02
CA VAL A 157 -7.96 21.88 -5.32
C VAL A 157 -6.76 22.52 -4.65
N GLU A 158 -6.56 22.21 -3.36
CA GLU A 158 -5.47 22.82 -2.60
C GLU A 158 -4.11 22.49 -3.21
N ALA A 159 -3.93 21.26 -3.67
CA ALA A 159 -2.67 20.82 -4.23
C ALA A 159 -2.47 21.28 -5.68
N GLY A 160 -3.39 22.07 -6.22
CA GLY A 160 -3.27 22.49 -7.60
C GLY A 160 -3.41 21.37 -8.60
N GLY A 161 -4.24 20.38 -8.31
CA GLY A 161 -4.39 19.24 -9.18
C GLY A 161 -5.17 19.58 -10.45
N LYS A 162 -5.38 18.56 -11.27
CA LYS A 162 -6.07 18.71 -12.53
C LYS A 162 -7.07 17.57 -12.70
N VAL A 163 -8.06 17.80 -13.56
CA VAL A 163 -9.07 16.81 -13.90
C VAL A 163 -9.00 16.56 -15.40
N LEU A 164 -8.98 15.29 -15.79
CA LEU A 164 -8.94 14.89 -17.19
C LEU A 164 -10.24 14.17 -17.54
N MET A 165 -10.99 14.73 -18.48
CA MET A 165 -12.16 14.07 -19.04
C MET A 165 -11.70 13.30 -20.27
N LEU A 166 -11.45 12.00 -20.12
CA LEU A 166 -10.87 11.18 -21.19
C LEU A 166 -12.01 10.54 -21.98
N GLY A 167 -12.59 11.34 -22.88
CA GLY A 167 -13.73 10.89 -23.65
C GLY A 167 -15.01 10.73 -22.86
N ALA A 168 -14.99 11.00 -21.57
CA ALA A 168 -16.15 10.81 -20.73
C ALA A 168 -17.10 12.01 -20.87
N PRO A 169 -18.40 11.78 -20.73
CA PRO A 169 -19.34 12.91 -20.75
C PRO A 169 -19.00 13.92 -19.66
N LEU A 170 -19.10 15.20 -20.02
CA LEU A 170 -18.61 16.27 -19.16
C LEU A 170 -19.41 16.40 -17.87
N ASP A 171 -20.61 15.84 -17.81
CA ASP A 171 -21.42 15.93 -16.59
C ASP A 171 -20.93 14.98 -15.50
N THR A 172 -19.99 14.09 -15.78
CA THR A 172 -19.45 13.18 -14.79
C THR A 172 -18.28 13.79 -14.01
N LEU A 173 -18.04 15.09 -14.14
CA LEU A 173 -16.93 15.73 -13.45
C LEU A 173 -17.26 15.85 -11.96
N THR A 174 -16.81 14.87 -11.17
CA THR A 174 -17.21 14.77 -9.77
C THR A 174 -16.83 16.01 -8.96
N LEU A 175 -15.73 16.67 -9.33
CA LEU A 175 -15.26 17.82 -8.54
C LEU A 175 -16.31 18.92 -8.45
N LEU A 176 -17.20 19.02 -9.44
CA LEU A 176 -18.22 20.06 -9.40
C LEU A 176 -19.23 19.83 -8.26
N HIS A 177 -19.30 18.62 -7.71
CA HIS A 177 -20.07 18.41 -6.48
C HIS A 177 -19.43 19.17 -5.31
N HIS A 178 -18.11 19.35 -5.35
CA HIS A 178 -17.44 20.18 -4.35
C HIS A 178 -17.83 21.65 -4.51
N ALA A 179 -17.98 22.11 -5.75
CA ALA A 179 -18.49 23.45 -5.99
C ALA A 179 -19.91 23.60 -5.46
N GLU A 180 -20.75 22.57 -5.66
CA GLU A 180 -22.08 22.58 -5.08
C GLU A 180 -22.05 22.71 -3.56
N HIS A 181 -21.12 22.00 -2.91
CA HIS A 181 -21.00 22.11 -1.46
C HIS A 181 -20.62 23.52 -1.04
N LEU A 182 -19.69 24.15 -1.77
CA LEU A 182 -19.20 25.47 -1.40
C LEU A 182 -20.17 26.59 -1.72
N ALA A 183 -21.02 26.40 -2.73
CA ALA A 183 -21.87 27.48 -3.22
C ALA A 183 -22.79 28.01 -2.13
N ASP A 184 -22.89 29.33 -2.04
CA ASP A 184 -23.78 29.99 -1.08
C ASP A 184 -25.11 30.22 -1.78
N ILE A 185 -25.98 29.22 -1.72
CA ILE A 185 -27.29 29.31 -2.39
C ILE A 185 -28.34 28.66 -1.51
N PRO A 186 -29.59 29.13 -1.60
CA PRO A 186 -30.66 28.58 -0.78
C PRO A 186 -31.23 27.31 -1.38
N GLY A 187 -32.00 26.60 -0.57
CA GLY A 187 -32.72 25.44 -1.05
C GLY A 187 -31.86 24.25 -1.41
N LYS A 188 -30.70 24.10 -0.77
CA LYS A 188 -29.83 22.97 -1.06
C LYS A 188 -30.46 21.67 -0.57
N ARG A 189 -30.44 20.65 -1.42
CA ARG A 189 -31.04 19.37 -1.10
C ARG A 189 -30.06 18.52 -0.30
N ILE A 190 -30.58 17.86 0.73
CA ILE A 190 -29.77 17.11 1.68
C ILE A 190 -30.15 15.64 1.62
N LYS A 191 -29.13 14.77 1.64
CA LYS A 191 -29.32 13.32 1.65
C LYS A 191 -28.92 12.76 3.00
N ARG A 192 -29.74 11.86 3.52
CA ARG A 192 -29.45 11.09 4.73
C ARG A 192 -29.62 9.61 4.42
N ILE A 193 -28.60 8.83 4.68
N ILE A 193 -28.59 8.83 4.68
CA ILE A 193 -28.59 7.39 4.39
CA ILE A 193 -28.60 7.40 4.41
C ILE A 193 -27.80 6.67 5.48
C ILE A 193 -27.81 6.69 5.50
N GLU A 194 -28.30 5.52 5.90
CA GLU A 194 -27.59 4.66 6.84
C GLU A 194 -26.54 3.86 6.08
N VAL A 195 -25.33 3.79 6.64
CA VAL A 195 -24.24 3.10 5.97
C VAL A 195 -23.56 2.15 6.95
N PRO A 196 -23.36 0.88 6.57
CA PRO A 196 -22.62 -0.05 7.44
C PRO A 196 -21.13 -0.02 7.15
N PHE A 197 -20.32 0.03 8.20
CA PHE A 197 -18.87 0.07 8.06
C PHE A 197 -18.27 -1.19 8.67
N ALA A 198 -17.39 -1.86 7.91
CA ALA A 198 -16.63 -2.98 8.45
C ALA A 198 -15.53 -2.48 9.38
N THR A 199 -15.48 -3.03 10.58
CA THR A 199 -14.52 -2.67 11.62
C THR A 199 -13.93 -3.94 12.22
N PRO A 200 -12.80 -3.84 12.91
CA PRO A 200 -12.21 -5.02 13.57
C PRO A 200 -13.13 -5.73 14.56
N THR A 201 -14.16 -5.07 15.08
CA THR A 201 -15.07 -5.70 16.03
C THR A 201 -16.42 -6.05 15.39
N GLY A 202 -16.57 -5.87 14.09
CA GLY A 202 -17.82 -6.14 13.41
C GLY A 202 -18.37 -4.91 12.72
N THR A 203 -19.57 -5.09 12.16
CA THR A 203 -20.23 -4.04 11.41
C THR A 203 -20.68 -2.90 12.33
N GLN A 204 -20.42 -1.67 11.91
CA GLN A 204 -20.91 -0.50 12.60
C GLN A 204 -21.81 0.27 11.65
N TRP A 205 -22.96 0.72 12.14
CA TRP A 205 -23.90 1.45 11.32
C TRP A 205 -23.81 2.92 11.66
N ARG A 206 -23.93 3.77 10.65
CA ARG A 206 -23.72 5.18 10.88
C ARG A 206 -24.58 5.95 9.88
N MET A 207 -25.30 6.95 10.37
N MET A 207 -25.29 6.96 10.38
CA MET A 207 -26.10 7.81 9.50
CA MET A 207 -26.09 7.81 9.50
C MET A 207 -25.18 8.81 8.81
C MET A 207 -25.17 8.81 8.81
N ILE A 208 -25.21 8.83 7.48
CA ILE A 208 -24.38 9.72 6.69
C ILE A 208 -25.27 10.85 6.19
N GLU A 209 -24.86 12.09 6.45
CA GLU A 209 -25.58 13.26 5.96
C GLU A 209 -24.67 14.08 5.07
N GLU A 210 -25.21 14.51 3.94
CA GLU A 210 -24.45 15.25 2.94
C GLU A 210 -25.43 15.96 2.03
N PHE A 211 -24.92 16.95 1.30
CA PHE A 211 -25.71 17.50 0.20
C PHE A 211 -25.86 16.42 -0.87
N ASP A 212 -27.08 16.26 -1.37
CA ASP A 212 -27.38 15.15 -2.27
C ASP A 212 -26.67 15.35 -3.60
N THR A 213 -25.87 14.37 -4.00
CA THR A 213 -25.15 14.40 -5.27
C THR A 213 -25.75 13.49 -6.32
N GLY A 214 -26.85 12.80 -6.01
CA GLY A 214 -27.53 12.01 -7.02
C GLY A 214 -28.37 12.82 -7.98
N ASP A 215 -28.72 14.05 -7.61
CA ASP A 215 -29.46 15.02 -8.41
C ASP A 215 -28.82 16.39 -8.22
N PRO A 216 -29.17 17.39 -9.04
CA PRO A 216 -28.61 18.72 -8.85
C PRO A 216 -28.87 19.26 -7.44
N ILE A 217 -27.95 20.12 -6.98
CA ILE A 217 -27.96 20.57 -5.60
C ILE A 217 -29.24 21.33 -5.26
N VAL A 218 -29.81 22.03 -6.23
CA VAL A 218 -31.05 22.78 -6.04
C VAL A 218 -32.02 22.46 -7.16
N ALA A 219 -33.28 22.81 -6.94
CA ALA A 219 -34.31 22.58 -7.93
C ALA A 219 -34.13 23.53 -9.11
N GLY A 220 -34.66 23.11 -10.25
CA GLY A 220 -34.63 23.91 -11.45
C GLY A 220 -33.46 23.64 -12.38
N LEU A 221 -32.76 22.53 -12.20
CA LEU A 221 -31.60 22.18 -13.02
C LEU A 221 -31.79 20.82 -13.66
N ALA A 222 -31.35 20.70 -14.91
CA ALA A 222 -31.31 19.43 -15.62
C ALA A 222 -30.30 18.47 -14.99
N GLU A 223 -30.56 17.16 -15.12
CA GLU A 223 -29.68 16.16 -14.53
C GLU A 223 -28.21 16.36 -14.92
N ASP A 224 -27.97 16.76 -16.17
CA ASP A 224 -26.61 16.86 -16.69
C ASP A 224 -26.11 18.29 -16.77
N TYR A 225 -26.59 19.17 -15.87
CA TYR A 225 -26.23 20.58 -15.97
C TYR A 225 -24.75 20.82 -15.69
N PHE A 226 -24.06 19.87 -15.05
CA PHE A 226 -22.60 19.95 -14.96
C PHE A 226 -21.96 20.08 -16.33
N ALA A 227 -22.51 19.36 -17.33
CA ALA A 227 -21.97 19.44 -18.68
C ALA A 227 -22.07 20.85 -19.23
N GLY A 228 -23.12 21.57 -18.89
CA GLY A 228 -23.23 22.96 -19.32
C GLY A 228 -22.16 23.84 -18.69
N ILE A 229 -21.87 23.62 -17.40
CA ILE A 229 -20.84 24.42 -16.74
C ILE A 229 -19.48 24.20 -17.38
N VAL A 230 -19.15 22.94 -17.67
CA VAL A 230 -17.87 22.66 -18.33
C VAL A 230 -17.86 23.22 -19.75
N THR A 231 -18.99 23.10 -20.46
CA THR A 231 -19.06 23.63 -21.83
C THR A 231 -18.85 25.14 -21.85
N GLU A 232 -19.47 25.86 -20.92
CA GLU A 232 -19.25 27.30 -20.83
C GLU A 232 -17.82 27.59 -20.40
N PHE A 233 -17.27 26.78 -19.49
CA PHE A 233 -15.88 26.93 -19.09
C PHE A 233 -14.94 26.81 -20.28
N LEU A 234 -15.16 25.80 -21.13
CA LEU A 234 -14.32 25.62 -22.31
C LEU A 234 -14.56 26.71 -23.35
N ALA A 235 -15.83 27.09 -23.55
CA ALA A 235 -16.13 28.12 -24.54
C ALA A 235 -15.53 29.47 -24.15
N SER A 236 -15.36 29.72 -22.86
CA SER A 236 -14.73 30.94 -22.38
C SER A 236 -13.20 30.95 -22.55
N GLY A 237 -12.62 29.91 -23.15
CA GLY A 237 -11.19 29.88 -23.39
C GLY A 237 -10.33 29.28 -22.30
N GLN A 238 -10.92 28.70 -21.25
CA GLN A 238 -10.16 28.06 -20.20
C GLN A 238 -10.05 26.56 -20.45
N GLY A 239 -9.04 25.95 -19.85
CA GLY A 239 -8.83 24.52 -20.03
C GLY A 239 -8.15 24.21 -21.35
N ARG A 240 -7.89 22.91 -21.55
CA ARG A 240 -7.18 22.45 -22.73
C ARG A 240 -8.00 21.36 -23.41
N GLN A 241 -7.87 21.29 -24.74
CA GLN A 241 -8.61 20.33 -25.53
C GLN A 241 -7.67 19.54 -26.45
N GLY A 242 -8.02 18.30 -26.71
CA GLY A 242 -7.21 17.46 -27.57
C GLY A 242 -7.61 16.01 -27.45
N LEU A 243 -7.03 15.19 -28.33
CA LEU A 243 -7.32 13.76 -28.38
C LEU A 243 -6.34 12.98 -27.50
N ILE A 244 -6.87 11.99 -26.79
CA ILE A 244 -6.08 10.96 -26.13
C ILE A 244 -6.45 9.65 -26.79
N GLY A 245 -5.55 9.14 -27.63
CA GLY A 245 -5.95 8.07 -28.53
C GLY A 245 -7.04 8.57 -29.46
N ALA A 246 -8.14 7.83 -29.53
CA ALA A 246 -9.28 8.25 -30.35
C ALA A 246 -10.32 9.03 -29.56
N ALA A 247 -10.05 9.34 -28.29
CA ALA A 247 -11.06 9.92 -27.41
C ALA A 247 -10.85 11.43 -27.32
N PRO A 248 -11.79 12.24 -27.79
CA PRO A 248 -11.71 13.69 -27.55
C PRO A 248 -11.74 13.97 -26.05
N SER A 249 -10.78 14.75 -25.58
CA SER A 249 -10.56 14.92 -24.15
C SER A 249 -10.36 16.38 -23.80
N VAL A 250 -10.61 16.69 -22.53
CA VAL A 250 -10.42 18.02 -21.97
C VAL A 250 -9.68 17.88 -20.64
N LEU A 251 -8.69 18.74 -20.44
CA LEU A 251 -7.91 18.79 -19.21
C LEU A 251 -8.11 20.15 -18.57
N VAL A 252 -8.56 20.17 -17.32
CA VAL A 252 -8.87 21.43 -16.66
C VAL A 252 -8.18 21.50 -15.31
N ASP A 253 -7.90 22.72 -14.89
CA ASP A 253 -7.32 23.00 -13.59
C ASP A 253 -8.38 22.84 -12.50
N ALA A 254 -8.06 22.09 -11.44
CA ALA A 254 -9.04 21.77 -10.42
C ALA A 254 -9.55 23.03 -9.72
N ALA A 255 -8.64 23.92 -9.34
CA ALA A 255 -9.05 25.15 -8.65
C ALA A 255 -9.90 26.02 -9.57
N ALA A 256 -9.55 26.08 -10.85
CA ALA A 256 -10.26 26.95 -11.78
C ALA A 256 -11.70 26.49 -12.00
N ILE A 257 -11.89 25.20 -12.30
CA ILE A 257 -13.23 24.71 -12.59
C ILE A 257 -14.10 24.74 -11.33
N THR A 258 -13.49 24.57 -10.15
CA THR A 258 -14.25 24.67 -8.91
C THR A 258 -14.76 26.09 -8.71
N ALA A 259 -13.86 27.08 -8.80
CA ALA A 259 -14.27 28.47 -8.64
C ALA A 259 -15.28 28.87 -9.70
N PHE A 260 -15.08 28.44 -10.94
CA PHE A 260 -16.05 28.70 -12.00
C PHE A 260 -17.42 28.11 -11.64
N GLY A 261 -17.44 26.90 -11.10
CA GLY A 261 -18.70 26.28 -10.74
C GLY A 261 -19.40 26.99 -9.60
N VAL A 262 -18.65 27.43 -8.58
CA VAL A 262 -19.24 28.18 -7.48
C VAL A 262 -19.86 29.49 -7.99
N THR A 263 -19.08 30.23 -8.79
CA THR A 263 -19.57 31.47 -9.37
C THR A 263 -20.81 31.23 -10.23
N TRP A 264 -20.78 30.16 -11.04
CA TRP A 264 -21.92 29.80 -11.87
C TRP A 264 -23.18 29.61 -11.03
N LEU A 265 -23.06 28.86 -9.93
CA LEU A 265 -24.22 28.59 -9.08
C LEU A 265 -24.68 29.83 -8.34
N GLU A 266 -23.74 30.64 -7.83
CA GLU A 266 -24.13 31.78 -7.03
C GLU A 266 -24.67 32.93 -7.88
N LYS A 267 -24.32 32.99 -9.17
CA LYS A 267 -24.91 34.00 -10.06
C LYS A 267 -26.38 33.70 -10.33
N ARG A 268 -26.75 32.41 -10.37
CA ARG A 268 -28.08 31.96 -10.78
C ARG A 268 -29.05 31.80 -9.64
N PHE A 269 -28.59 31.38 -8.47
CA PHE A 269 -29.47 31.09 -7.35
C PHE A 269 -29.06 31.82 -6.09
N GLY A 270 -27.95 32.56 -6.10
CA GLY A 270 -27.46 33.22 -4.92
C GLY A 270 -27.59 34.72 -4.97
N THR A 271 -26.80 35.39 -4.14
CA THR A 271 -26.66 36.85 -4.14
C THR A 271 -25.17 37.13 -4.13
N PRO A 272 -24.54 37.20 -5.30
CA PRO A 272 -23.08 37.37 -5.35
C PRO A 272 -22.70 38.82 -5.08
N SER A 273 -21.39 39.01 -4.89
CA SER A 273 -20.76 40.32 -4.76
C SER A 273 -20.81 41.01 -6.13
N PRO A 274 -19.91 41.95 -6.45
CA PRO A 274 -19.93 42.25 -7.88
C PRO A 274 -19.51 41.06 -8.74
N SER B 7 35.12 -0.82 2.90
CA SER B 7 34.52 -0.15 1.75
C SER B 7 33.02 -0.44 1.63
N PHE B 8 32.42 0.27 0.77
CA PHE B 8 30.96 0.33 0.81
C PHE B 8 30.24 -1.00 0.54
N ALA B 9 29.25 -1.26 1.38
CA ALA B 9 28.29 -2.31 1.13
C ALA B 9 27.19 -1.67 0.29
N THR B 10 26.95 -2.28 -0.86
CA THR B 10 25.99 -1.77 -1.82
C THR B 10 24.83 -2.75 -1.90
N ARG B 11 23.74 -2.31 -2.51
CA ARG B 11 22.65 -3.22 -2.80
C ARG B 11 23.14 -4.42 -3.63
N THR B 12 24.08 -4.18 -4.55
CA THR B 12 24.61 -5.26 -5.37
C THR B 12 25.47 -6.22 -4.55
N SER B 13 26.38 -5.67 -3.75
CA SER B 13 27.30 -6.51 -2.99
C SER B 13 26.56 -7.29 -1.90
N LEU B 14 25.55 -6.68 -1.28
CA LEU B 14 24.78 -7.39 -0.26
C LEU B 14 23.92 -8.48 -0.88
N ALA B 15 23.34 -8.22 -2.07
CA ALA B 15 22.57 -9.25 -2.76
C ALA B 15 23.43 -10.46 -3.09
N ALA B 16 24.70 -10.24 -3.44
CA ALA B 16 25.61 -11.35 -3.66
C ALA B 16 25.83 -12.14 -2.38
N ASP B 17 26.04 -11.45 -1.25
CA ASP B 17 26.18 -12.14 0.03
C ASP B 17 24.91 -12.93 0.35
N LEU B 18 23.74 -12.35 0.07
CA LEU B 18 22.49 -13.03 0.38
C LEU B 18 22.31 -14.27 -0.48
N ALA B 19 22.62 -14.16 -1.77
CA ALA B 19 22.56 -15.34 -2.64
C ALA B 19 23.56 -16.39 -2.19
N ALA B 20 24.77 -15.96 -1.80
CA ALA B 20 25.78 -16.90 -1.32
C ALA B 20 25.31 -17.63 -0.08
N LEU B 21 24.55 -16.97 0.78
CA LEU B 21 24.07 -17.61 2.01
C LEU B 21 22.92 -18.57 1.75
N GLY B 22 22.19 -18.40 0.65
CA GLY B 22 21.12 -19.32 0.31
C GLY B 22 19.79 -18.68 -0.02
N LEU B 23 19.68 -17.36 0.07
CA LEU B 23 18.45 -16.68 -0.31
C LEU B 23 18.24 -16.78 -1.81
N ALA B 24 17.04 -17.18 -2.22
CA ALA B 24 16.79 -17.57 -3.61
C ALA B 24 15.64 -16.76 -4.20
N TRP B 25 15.67 -16.66 -5.53
CA TRP B 25 14.60 -16.04 -6.29
C TRP B 25 13.24 -16.62 -5.91
N GLY B 26 12.29 -15.74 -5.62
CA GLY B 26 10.95 -16.14 -5.26
C GLY B 26 10.74 -16.48 -3.79
N ASP B 27 11.77 -16.39 -2.95
CA ASP B 27 11.63 -16.71 -1.55
C ASP B 27 10.77 -15.69 -0.82
N ALA B 28 10.07 -16.15 0.21
CA ALA B 28 9.45 -15.29 1.20
C ALA B 28 10.39 -15.27 2.41
N ILE B 29 11.01 -14.12 2.66
CA ILE B 29 12.11 -14.02 3.62
C ILE B 29 11.73 -13.03 4.71
N MET B 30 11.72 -13.50 5.95
CA MET B 30 11.52 -12.67 7.13
C MET B 30 12.87 -12.38 7.75
N VAL B 31 13.15 -11.11 8.03
CA VAL B 31 14.50 -10.65 8.40
C VAL B 31 14.48 -10.04 9.79
N HIS B 32 15.44 -10.44 10.62
CA HIS B 32 15.74 -9.79 11.89
C HIS B 32 17.16 -9.26 11.79
N ALA B 33 17.31 -7.94 11.87
CA ALA B 33 18.58 -7.30 11.54
C ALA B 33 19.10 -6.45 12.70
N ALA B 34 20.42 -6.45 12.83
CA ALA B 34 21.16 -5.49 13.64
C ALA B 34 21.97 -4.66 12.63
N VAL B 35 21.39 -3.54 12.20
CA VAL B 35 21.86 -2.84 11.01
C VAL B 35 23.33 -2.42 11.16
N SER B 36 23.74 -2.02 12.36
CA SER B 36 25.10 -1.53 12.55
C SER B 36 26.14 -2.63 12.32
N ARG B 37 25.76 -3.90 12.48
CA ARG B 37 26.73 -4.98 12.32
C ARG B 37 26.98 -5.32 10.85
N VAL B 38 26.13 -4.84 9.94
CA VAL B 38 26.35 -5.10 8.53
C VAL B 38 27.54 -4.30 8.03
N GLY B 39 27.89 -3.21 8.68
CA GLY B 39 29.00 -2.38 8.27
C GLY B 39 28.52 -1.12 7.58
N ARG B 40 29.45 -0.46 6.92
CA ARG B 40 29.14 0.78 6.24
C ARG B 40 28.27 0.51 5.02
N LEU B 41 27.07 1.10 5.02
CA LEU B 41 26.06 0.93 3.99
C LEU B 41 25.86 2.24 3.24
N LEU B 42 25.74 2.13 1.91
CA LEU B 42 25.69 3.33 1.07
C LEU B 42 24.37 4.08 1.24
N ASP B 43 23.26 3.35 1.43
CA ASP B 43 21.97 3.97 1.68
C ASP B 43 21.37 3.53 3.01
N GLY B 44 22.21 3.29 4.00
CA GLY B 44 21.75 2.87 5.31
C GLY B 44 20.93 1.60 5.28
N PRO B 45 19.92 1.53 6.15
CA PRO B 45 19.04 0.33 6.15
C PRO B 45 18.29 0.11 4.86
N ASP B 46 18.04 1.17 4.07
CA ASP B 46 17.34 0.98 2.80
C ASP B 46 18.14 0.14 1.83
N THR B 47 19.48 0.16 1.96
CA THR B 47 20.31 -0.72 1.14
C THR B 47 20.01 -2.19 1.43
N ILE B 48 19.80 -2.53 2.70
CA ILE B 48 19.49 -3.90 3.07
C ILE B 48 18.15 -4.31 2.46
N ILE B 49 17.14 -3.45 2.59
CA ILE B 49 15.82 -3.75 2.03
C ILE B 49 15.90 -3.90 0.52
N ALA B 50 16.63 -3.01 -0.15
CA ALA B 50 16.76 -3.09 -1.60
C ALA B 50 17.44 -4.39 -2.02
N ALA B 51 18.53 -4.76 -1.34
CA ALA B 51 19.25 -5.98 -1.69
C ALA B 51 18.36 -7.22 -1.48
N LEU B 52 17.55 -7.23 -0.42
CA LEU B 52 16.65 -8.34 -0.18
C LEU B 52 15.61 -8.47 -1.31
N ARG B 53 15.06 -7.33 -1.75
CA ARG B 53 14.09 -7.35 -2.83
C ARG B 53 14.75 -7.78 -4.14
N ASP B 54 15.98 -7.31 -4.39
CA ASP B 54 16.70 -7.71 -5.59
C ASP B 54 16.90 -9.22 -5.64
N THR B 55 17.21 -9.82 -4.49
CA THR B 55 17.53 -11.24 -4.45
C THR B 55 16.30 -12.11 -4.68
N VAL B 56 15.20 -11.82 -3.99
CA VAL B 56 14.00 -12.64 -4.14
C VAL B 56 13.13 -12.22 -5.32
N GLY B 57 13.30 -11.01 -5.82
CA GLY B 57 12.56 -10.57 -6.99
C GLY B 57 11.11 -10.21 -6.68
N PRO B 58 10.42 -9.66 -7.68
CA PRO B 58 9.03 -9.24 -7.45
C PRO B 58 8.11 -10.38 -7.07
N GLY B 59 8.44 -11.62 -7.42
CA GLY B 59 7.62 -12.73 -7.01
C GLY B 59 7.86 -13.18 -5.60
N GLY B 60 8.95 -12.70 -4.98
CA GLY B 60 9.22 -13.00 -3.59
C GLY B 60 8.63 -11.94 -2.67
N THR B 61 8.79 -12.18 -1.37
CA THR B 61 8.23 -11.28 -0.37
C THR B 61 9.24 -11.11 0.74
N VAL B 62 9.40 -9.86 1.20
CA VAL B 62 10.28 -9.54 2.32
C VAL B 62 9.39 -9.14 3.49
N LEU B 63 9.60 -9.78 4.64
CA LEU B 63 8.76 -9.57 5.80
C LEU B 63 9.62 -9.21 7.00
N ALA B 64 8.96 -8.59 7.99
CA ALA B 64 9.59 -8.30 9.26
C ALA B 64 8.50 -8.22 10.33
N TYR B 65 8.93 -8.38 11.58
CA TYR B 65 8.03 -8.29 12.73
C TYR B 65 7.85 -6.83 13.12
N ALA B 66 6.61 -6.35 13.05
CA ALA B 66 6.33 -4.94 13.28
C ALA B 66 5.97 -4.64 14.74
N ASP B 67 5.04 -5.40 15.29
CA ASP B 67 4.46 -5.11 16.61
C ASP B 67 3.86 -3.70 16.53
N TRP B 68 3.77 -2.99 17.65
CA TRP B 68 3.42 -1.57 17.62
C TRP B 68 3.77 -0.97 18.97
N GLU B 69 3.90 0.34 19.00
CA GLU B 69 4.27 1.02 20.24
C GLU B 69 3.04 1.12 21.13
N ALA B 70 3.01 0.27 22.16
CA ALA B 70 1.92 0.19 23.13
C ALA B 70 2.41 0.56 24.52
N ARG B 71 2.95 1.78 24.67
CA ARG B 71 3.37 2.24 25.99
C ARG B 71 2.25 2.20 27.03
N TYR B 72 0.98 2.27 26.61
CA TYR B 72 -0.15 2.27 27.55
C TYR B 72 -0.29 1.00 28.39
N GLU B 73 0.40 -0.09 28.05
CA GLU B 73 0.20 -1.33 28.80
C GLU B 73 0.62 -1.21 30.25
N ASP B 74 1.51 -0.26 30.57
CA ASP B 74 1.89 0.00 31.95
C ASP B 74 0.74 0.51 32.81
N LEU B 75 -0.41 0.85 32.20
CA LEU B 75 -1.52 1.43 32.94
C LEU B 75 -2.70 0.51 33.17
N VAL B 76 -2.72 -0.68 32.58
CA VAL B 76 -3.93 -1.50 32.60
C VAL B 76 -4.07 -2.19 33.95
N ASP B 77 -5.29 -2.63 34.24
CA ASP B 77 -5.54 -3.26 35.53
C ASP B 77 -5.24 -4.74 35.39
N ASP B 78 -5.47 -5.51 36.46
CA ASP B 78 -5.06 -6.91 36.43
C ASP B 78 -5.92 -7.74 35.49
N ALA B 79 -7.10 -7.24 35.12
CA ALA B 79 -7.92 -7.83 34.07
C ALA B 79 -7.47 -7.45 32.67
N GLY B 80 -6.46 -6.58 32.54
CA GLY B 80 -6.01 -6.14 31.23
C GLY B 80 -6.79 -5.01 30.63
N ARG B 81 -7.55 -4.28 31.44
CA ARG B 81 -8.43 -3.22 30.94
C ARG B 81 -7.81 -1.85 31.19
N VAL B 82 -8.09 -0.91 30.31
CA VAL B 82 -7.58 0.45 30.45
C VAL B 82 -8.51 1.23 31.38
N PRO B 83 -7.98 1.94 32.36
CA PRO B 83 -8.84 2.74 33.24
C PRO B 83 -9.59 3.78 32.44
N PRO B 84 -10.82 4.12 32.85
CA PRO B 84 -11.61 5.09 32.08
C PRO B 84 -10.93 6.45 31.95
N GLU B 85 -10.13 6.85 32.94
CA GLU B 85 -9.42 8.12 32.88
C GLU B 85 -8.44 8.19 31.72
N TRP B 86 -7.92 7.05 31.27
CA TRP B 86 -6.88 7.00 30.25
C TRP B 86 -7.38 6.63 28.85
N ARG B 87 -8.61 6.15 28.73
CA ARG B 87 -9.04 5.47 27.50
C ARG B 87 -8.86 6.35 26.26
N GLU B 88 -9.09 7.65 26.39
CA GLU B 88 -9.03 8.56 25.26
C GLU B 88 -7.72 9.35 25.19
N HIS B 89 -6.72 8.96 25.99
CA HIS B 89 -5.36 9.43 25.79
C HIS B 89 -4.46 8.39 25.15
N VAL B 90 -4.95 7.17 24.94
CA VAL B 90 -4.17 6.10 24.33
C VAL B 90 -4.38 6.20 22.81
N PRO B 91 -3.32 6.38 22.02
CA PRO B 91 -3.47 6.40 20.56
C PRO B 91 -3.88 5.04 20.04
N PRO B 92 -4.98 4.98 19.29
CA PRO B 92 -5.46 3.67 18.81
C PRO B 92 -4.62 3.13 17.66
N PHE B 93 -4.66 1.81 17.51
CA PHE B 93 -3.90 1.17 16.46
C PHE B 93 -4.53 1.43 15.10
N ASP B 94 -3.70 1.85 14.15
CA ASP B 94 -4.11 1.99 12.75
C ASP B 94 -3.02 1.29 11.96
N PRO B 95 -3.33 0.20 11.26
CA PRO B 95 -2.27 -0.57 10.59
C PRO B 95 -1.47 0.21 9.55
N GLN B 96 -2.05 1.26 8.97
CA GLN B 96 -1.35 2.06 7.98
C GLN B 96 -0.53 3.19 8.58
N ARG B 97 -0.78 3.56 9.84
CA ARG B 97 -0.14 4.73 10.43
C ARG B 97 0.67 4.42 11.69
N SER B 98 0.26 3.45 12.49
CA SER B 98 1.00 3.12 13.71
C SER B 98 2.41 2.63 13.37
N ARG B 99 3.39 3.12 14.10
CA ARG B 99 4.77 2.75 13.85
C ARG B 99 5.01 1.30 14.24
N ALA B 100 6.01 0.70 13.60
CA ALA B 100 6.54 -0.57 14.07
C ALA B 100 7.36 -0.33 15.34
N ILE B 101 7.38 -1.33 16.22
CA ILE B 101 8.15 -1.19 17.45
C ILE B 101 9.64 -1.13 17.11
N ARG B 102 10.38 -0.32 17.86
CA ARG B 102 11.82 -0.13 17.70
C ARG B 102 12.70 -0.97 18.63
N ASP B 103 12.11 -1.69 19.59
CA ASP B 103 12.96 -2.41 20.56
C ASP B 103 13.86 -3.43 19.87
N ASN B 104 13.39 -4.03 18.78
CA ASN B 104 14.12 -5.08 18.08
C ASN B 104 14.97 -4.55 16.92
N GLY B 105 15.15 -3.25 16.83
CA GLY B 105 15.93 -2.62 15.80
C GLY B 105 15.09 -1.79 14.83
N VAL B 106 15.82 -1.06 13.99
CA VAL B 106 15.26 -0.01 13.13
C VAL B 106 14.59 -0.55 11.86
N LEU B 107 15.05 -1.69 11.34
CA LEU B 107 14.64 -2.10 9.99
C LEU B 107 13.13 -2.28 9.80
N PRO B 108 12.37 -2.89 10.72
CA PRO B 108 10.92 -3.04 10.47
C PRO B 108 10.21 -1.73 10.18
N GLU B 109 10.57 -0.64 10.87
CA GLU B 109 9.92 0.64 10.58
C GLU B 109 10.33 1.17 9.22
N PHE B 110 11.60 1.01 8.85
CA PHE B 110 12.03 1.42 7.52
C PHE B 110 11.32 0.60 6.44
N LEU B 111 11.10 -0.68 6.70
CA LEU B 111 10.36 -1.50 5.74
C LEU B 111 8.90 -1.10 5.70
N ARG B 112 8.31 -0.75 6.85
CA ARG B 112 6.91 -0.33 6.88
C ARG B 112 6.67 0.91 6.03
N THR B 113 7.63 1.83 6.01
CA THR B 113 7.52 3.05 5.23
C THR B 113 8.14 2.95 3.85
N THR B 114 8.46 1.75 3.40
CA THR B 114 8.83 1.55 2.00
C THR B 114 7.56 1.45 1.16
N PRO B 115 7.43 2.22 0.09
CA PRO B 115 6.20 2.20 -0.70
C PRO B 115 5.83 0.80 -1.17
N GLY B 116 4.57 0.43 -0.96
CA GLY B 116 4.07 -0.88 -1.30
C GLY B 116 3.95 -1.86 -0.15
N THR B 117 4.61 -1.58 0.98
CA THR B 117 4.59 -2.50 2.10
C THR B 117 3.24 -2.48 2.80
N LEU B 118 2.72 -3.66 3.11
CA LEU B 118 1.47 -3.82 3.84
C LEU B 118 1.78 -4.30 5.26
N ARG B 119 0.82 -4.08 6.16
CA ARG B 119 0.99 -4.40 7.58
C ARG B 119 -0.30 -5.05 8.08
N SER B 120 -0.16 -6.19 8.76
CA SER B 120 -1.32 -6.98 9.15
C SER B 120 -2.05 -6.34 10.32
N GLY B 121 -3.28 -6.82 10.57
CA GLY B 121 -4.23 -6.15 11.43
C GLY B 121 -4.18 -6.47 12.91
N ASN B 122 -3.41 -7.47 13.32
CA ASN B 122 -3.24 -7.77 14.74
C ASN B 122 -2.08 -6.94 15.26
N PRO B 123 -2.33 -5.92 16.10
CA PRO B 123 -1.27 -4.95 16.41
C PRO B 123 -0.02 -5.56 17.03
N GLY B 124 -0.19 -6.30 18.14
CA GLY B 124 0.96 -6.84 18.84
C GLY B 124 1.72 -7.88 18.05
N ALA B 125 1.02 -8.65 17.20
CA ALA B 125 1.65 -9.68 16.39
C ALA B 125 1.88 -9.24 14.95
N SER B 126 1.65 -7.96 14.64
CA SER B 126 1.61 -7.51 13.25
C SER B 126 2.95 -7.75 12.55
N LEU B 127 2.86 -8.19 11.30
CA LEU B 127 3.99 -8.29 10.41
C LEU B 127 3.85 -7.26 9.29
N VAL B 128 4.99 -6.85 8.74
CA VAL B 128 5.02 -6.06 7.52
C VAL B 128 5.51 -6.96 6.41
N ALA B 129 4.95 -6.80 5.22
CA ALA B 129 5.32 -7.63 4.08
C ALA B 129 5.36 -6.79 2.82
N LEU B 130 6.35 -7.05 1.98
CA LEU B 130 6.53 -6.31 0.74
C LEU B 130 6.91 -7.29 -0.36
N GLY B 131 6.05 -7.40 -1.37
CA GLY B 131 6.28 -8.23 -2.51
C GLY B 131 5.00 -8.91 -2.96
N ALA B 132 5.16 -9.98 -3.75
CA ALA B 132 4.04 -10.56 -4.48
C ALA B 132 2.98 -11.13 -3.54
N LYS B 133 3.40 -11.71 -2.41
CA LYS B 133 2.48 -12.33 -1.48
C LYS B 133 2.25 -11.48 -0.25
N ALA B 134 2.53 -10.17 -0.34
CA ALA B 134 2.35 -9.30 0.82
C ALA B 134 0.88 -9.25 1.24
N GLU B 135 -0.02 -9.20 0.26
CA GLU B 135 -1.45 -9.16 0.56
C GLU B 135 -1.90 -10.46 1.23
N TRP B 136 -1.39 -11.60 0.75
CA TRP B 136 -1.74 -12.89 1.33
C TRP B 136 -1.24 -13.01 2.77
N PHE B 137 0.00 -12.57 3.01
CA PHE B 137 0.60 -12.68 4.35
C PHE B 137 -0.15 -11.84 5.38
N THR B 138 -0.59 -10.64 5.00
CA THR B 138 -1.13 -9.68 5.96
C THR B 138 -2.64 -9.66 6.01
N ALA B 139 -3.31 -10.52 5.25
CA ALA B 139 -4.77 -10.51 5.23
C ALA B 139 -5.32 -11.33 6.39
N ASP B 140 -6.38 -10.81 7.00
CA ASP B 140 -7.19 -11.57 7.96
C ASP B 140 -6.35 -12.12 9.10
N HIS B 141 -5.48 -11.29 9.64
CA HIS B 141 -4.68 -11.69 10.80
C HIS B 141 -5.61 -11.87 11.99
N PRO B 142 -5.77 -13.08 12.52
CA PRO B 142 -6.68 -13.26 13.65
C PRO B 142 -6.26 -12.43 14.85
N LEU B 143 -7.23 -11.77 15.46
CA LEU B 143 -6.94 -10.85 16.56
C LEU B 143 -6.65 -11.60 17.85
N ASP B 144 -7.28 -12.75 18.04
CA ASP B 144 -6.98 -13.64 19.15
C ASP B 144 -5.99 -14.70 18.69
N TYR B 145 -5.01 -15.00 19.55
CA TYR B 145 -3.98 -16.00 19.26
C TYR B 145 -3.37 -15.78 17.87
N GLY B 146 -2.88 -14.56 17.66
CA GLY B 146 -2.35 -14.14 16.37
C GLY B 146 -0.99 -14.68 16.03
N TYR B 147 -0.48 -15.59 16.86
CA TYR B 147 0.72 -16.35 16.55
C TYR B 147 0.40 -17.79 16.22
N GLY B 148 -0.88 -18.12 16.08
CA GLY B 148 -1.28 -19.49 15.86
C GLY B 148 -1.80 -19.83 14.48
N GLU B 149 -2.94 -20.50 14.43
N GLU B 149 -2.98 -20.43 14.42
CA GLU B 149 -3.52 -20.94 13.17
CA GLU B 149 -3.40 -21.19 13.24
C GLU B 149 -4.03 -19.75 12.37
C GLU B 149 -3.37 -20.36 11.96
N GLY B 150 -3.65 -19.70 11.10
N GLY B 150 -4.14 -19.28 11.91
CA GLY B 150 -4.07 -18.63 10.21
CA GLY B 150 -4.28 -18.54 10.66
C GLY B 150 -3.30 -17.34 10.33
C GLY B 150 -3.43 -17.29 10.55
N SER B 151 -2.25 -17.30 11.14
CA SER B 151 -1.44 -16.11 11.30
C SER B 151 -0.44 -15.95 10.15
N PRO B 152 0.14 -14.75 10.00
CA PRO B 152 1.22 -14.59 9.01
C PRO B 152 2.37 -15.55 9.25
N LEU B 153 2.70 -15.82 10.52
CA LEU B 153 3.78 -16.77 10.82
C LEU B 153 3.42 -18.16 10.33
N ALA B 154 2.17 -18.58 10.51
CA ALA B 154 1.74 -19.86 9.97
C ALA B 154 1.87 -19.89 8.46
N LYS B 155 1.49 -18.79 7.80
CA LYS B 155 1.62 -18.73 6.35
C LYS B 155 3.07 -18.74 5.89
N LEU B 156 3.97 -18.13 6.68
CA LEU B 156 5.39 -18.20 6.34
C LEU B 156 5.86 -19.64 6.30
N VAL B 157 5.43 -20.45 7.27
CA VAL B 157 5.75 -21.87 7.27
C VAL B 157 5.08 -22.55 6.08
N GLU B 158 3.81 -22.24 5.86
CA GLU B 158 3.04 -22.85 4.78
C GLU B 158 3.66 -22.57 3.41
N ALA B 159 4.13 -21.34 3.19
CA ALA B 159 4.71 -20.97 1.91
C ALA B 159 6.15 -21.44 1.75
N GLY B 160 6.68 -22.19 2.71
CA GLY B 160 8.07 -22.60 2.63
C GLY B 160 9.04 -21.44 2.73
N GLY B 161 8.68 -20.42 3.52
CA GLY B 161 9.51 -19.24 3.63
C GLY B 161 10.76 -19.51 4.45
N LYS B 162 11.55 -18.45 4.61
CA LYS B 162 12.80 -18.53 5.35
C LYS B 162 12.89 -17.35 6.29
N VAL B 163 13.71 -17.50 7.32
CA VAL B 163 13.96 -16.44 8.29
C VAL B 163 15.45 -16.17 8.29
N LEU B 164 15.82 -14.90 8.24
CA LEU B 164 17.23 -14.49 8.20
C LEU B 164 17.59 -13.74 9.47
N MET B 165 18.58 -14.25 10.21
CA MET B 165 19.17 -13.53 11.34
C MET B 165 20.30 -12.67 10.80
N LEU B 166 20.02 -11.40 10.57
CA LEU B 166 21.00 -10.49 9.97
C LEU B 166 21.77 -9.82 11.10
N GLY B 167 22.71 -10.57 11.68
CA GLY B 167 23.46 -10.09 12.82
C GLY B 167 22.69 -9.96 14.12
N ALA B 168 21.41 -10.29 14.14
CA ALA B 168 20.56 -10.10 15.30
C ALA B 168 20.75 -11.21 16.32
N PRO B 169 20.56 -10.92 17.62
CA PRO B 169 20.60 -11.98 18.63
C PRO B 169 19.55 -13.05 18.31
N LEU B 170 19.95 -14.31 18.50
CA LEU B 170 19.16 -15.42 18.01
C LEU B 170 17.82 -15.59 18.72
N ASP B 171 17.68 -15.04 19.94
CA ASP B 171 16.43 -15.19 20.66
C ASP B 171 15.32 -14.27 20.14
N THR B 172 15.63 -13.35 19.22
CA THR B 172 14.62 -12.46 18.66
C THR B 172 13.88 -13.08 17.48
N LEU B 173 14.03 -14.38 17.25
CA LEU B 173 13.38 -15.07 16.15
C LEU B 173 11.89 -15.24 16.45
N THR B 174 11.08 -14.28 15.98
CA THR B 174 9.67 -14.23 16.34
C THR B 174 8.92 -15.50 15.96
N LEU B 175 9.35 -16.18 14.88
CA LEU B 175 8.65 -17.36 14.39
C LEU B 175 8.53 -18.44 15.45
N LEU B 176 9.48 -18.52 16.38
CA LEU B 176 9.43 -19.55 17.40
C LEU B 176 8.28 -19.36 18.38
N HIS B 177 7.68 -18.16 18.43
CA HIS B 177 6.45 -17.99 19.17
C HIS B 177 5.30 -18.78 18.52
N HIS B 178 5.38 -18.99 17.21
CA HIS B 178 4.41 -19.86 16.55
C HIS B 178 4.58 -21.31 16.99
N ALA B 179 5.83 -21.76 17.15
CA ALA B 179 6.08 -23.09 17.70
C ALA B 179 5.55 -23.20 19.13
N GLU B 180 5.75 -22.15 19.94
CA GLU B 180 5.20 -22.15 21.29
C GLU B 180 3.69 -22.33 21.26
N HIS B 181 3.02 -21.66 20.31
CA HIS B 181 1.57 -21.81 20.19
C HIS B 181 1.21 -23.25 19.86
N LEU B 182 1.97 -23.90 18.97
CA LEU B 182 1.64 -25.23 18.52
C LEU B 182 1.98 -26.31 19.54
N ALA B 183 3.00 -26.07 20.38
CA ALA B 183 3.51 -27.11 21.28
C ALA B 183 2.43 -27.60 22.23
N ASP B 184 2.32 -28.92 22.38
CA ASP B 184 1.33 -29.52 23.29
C ASP B 184 1.99 -29.70 24.64
N ILE B 185 1.91 -28.66 25.48
CA ILE B 185 2.54 -28.70 26.81
C ILE B 185 1.61 -28.02 27.80
N PRO B 186 1.70 -28.43 29.07
CA PRO B 186 0.83 -27.85 30.09
C PRO B 186 1.37 -26.52 30.59
N GLY B 187 0.51 -25.78 31.29
CA GLY B 187 0.92 -24.56 31.94
C GLY B 187 1.29 -23.43 31.01
N LYS B 188 0.70 -23.38 29.82
CA LYS B 188 0.98 -22.28 28.90
C LYS B 188 0.44 -20.98 29.44
N ARG B 189 1.25 -19.93 29.38
CA ARG B 189 0.85 -18.65 29.91
C ARG B 189 0.01 -17.90 28.88
N ILE B 190 -1.07 -17.28 29.35
CA ILE B 190 -2.05 -16.62 28.51
C ILE B 190 -2.04 -15.14 28.86
N LYS B 191 -2.05 -14.29 27.83
CA LYS B 191 -2.11 -12.85 28.05
C LYS B 191 -3.45 -12.32 27.53
N ARG B 192 -4.09 -11.49 28.34
CA ARG B 192 -5.31 -10.78 27.99
C ARG B 192 -5.10 -9.30 28.22
N ILE B 193 -5.27 -8.51 27.15
CA ILE B 193 -5.12 -7.07 27.24
C ILE B 193 -6.14 -6.40 26.33
N GLU B 194 -6.63 -5.25 26.77
CA GLU B 194 -7.54 -4.45 25.96
C GLU B 194 -6.74 -3.65 24.94
N VAL B 195 -7.25 -3.61 23.71
CA VAL B 195 -6.54 -2.94 22.62
C VAL B 195 -7.48 -1.97 21.91
N PRO B 196 -7.07 -0.72 21.71
CA PRO B 196 -7.90 0.22 20.96
C PRO B 196 -7.60 0.16 19.46
N PHE B 197 -8.64 0.11 18.65
CA PHE B 197 -8.50 0.04 17.20
C PHE B 197 -9.08 1.31 16.58
N ALA B 198 -8.31 1.95 15.72
CA ALA B 198 -8.81 3.09 14.95
C ALA B 198 -9.73 2.61 13.84
N THR B 199 -10.93 3.17 13.79
CA THR B 199 -11.90 2.87 12.75
C THR B 199 -12.46 4.19 12.25
N PRO B 200 -13.00 4.22 11.03
CA PRO B 200 -13.64 5.47 10.54
C PRO B 200 -14.81 5.92 11.39
N THR B 201 -15.51 5.01 12.06
CA THR B 201 -16.65 5.35 12.90
C THR B 201 -16.25 5.69 14.33
N GLY B 202 -14.96 5.71 14.62
CA GLY B 202 -14.43 6.02 15.93
C GLY B 202 -13.65 4.86 16.51
N THR B 203 -13.14 5.08 17.71
CA THR B 203 -12.32 4.09 18.38
C THR B 203 -13.17 2.91 18.87
N GLN B 204 -12.70 1.70 18.60
CA GLN B 204 -13.29 0.49 19.12
C GLN B 204 -12.28 -0.23 20.01
N TRP B 205 -12.75 -0.69 21.15
CA TRP B 205 -11.91 -1.38 22.11
C TRP B 205 -12.25 -2.86 22.07
N ARG B 206 -11.23 -3.71 22.20
CA ARG B 206 -11.43 -5.15 22.08
C ARG B 206 -10.45 -5.82 23.02
N MET B 207 -10.92 -6.87 23.69
CA MET B 207 -10.03 -7.71 24.48
C MET B 207 -9.33 -8.69 23.57
N ILE B 208 -8.00 -8.73 23.64
CA ILE B 208 -7.18 -9.65 22.85
C ILE B 208 -6.62 -10.70 23.79
N GLU B 209 -6.79 -11.97 23.42
CA GLU B 209 -6.25 -13.09 24.17
C GLU B 209 -5.28 -13.87 23.29
N GLU B 210 -4.14 -14.22 23.86
CA GLU B 210 -3.09 -14.94 23.15
C GLU B 210 -2.17 -15.56 24.17
N PHE B 211 -1.37 -16.53 23.73
CA PHE B 211 -0.28 -17.00 24.55
C PHE B 211 0.76 -15.89 24.69
N ASP B 212 1.24 -15.69 25.91
CA ASP B 212 2.13 -14.57 26.19
C ASP B 212 3.47 -14.78 25.50
N THR B 213 3.85 -13.83 24.65
CA THR B 213 5.12 -13.89 23.93
C THR B 213 6.15 -12.93 24.50
N GLY B 214 5.82 -12.18 25.55
CA GLY B 214 6.80 -11.33 26.22
C GLY B 214 7.74 -12.08 27.12
N ASP B 215 7.38 -13.29 27.51
CA ASP B 215 8.15 -14.19 28.35
C ASP B 215 8.04 -15.59 27.75
N PRO B 216 8.86 -16.55 28.18
CA PRO B 216 8.72 -17.92 27.64
C PRO B 216 7.31 -18.47 27.86
N ILE B 217 6.92 -19.38 26.98
CA ILE B 217 5.53 -19.87 26.96
C ILE B 217 5.16 -20.53 28.28
N VAL B 218 6.12 -21.20 28.93
CA VAL B 218 5.88 -21.83 30.22
C VAL B 218 6.98 -21.44 31.19
N ALA B 219 6.71 -21.66 32.47
CA ALA B 219 7.69 -21.37 33.50
C ALA B 219 8.84 -22.38 33.44
N GLY B 220 10.00 -21.96 33.93
CA GLY B 220 11.16 -22.82 33.97
C GLY B 220 12.12 -22.66 32.81
N LEU B 221 12.03 -21.58 32.04
CA LEU B 221 12.88 -21.36 30.89
C LEU B 221 13.61 -20.01 31.01
N ALA B 222 14.86 -19.99 30.58
CA ALA B 222 15.56 -18.72 30.48
C ALA B 222 14.89 -17.85 29.42
N GLU B 223 14.90 -16.54 29.64
CA GLU B 223 14.22 -15.63 28.74
C GLU B 223 14.71 -15.75 27.30
N ASP B 224 15.98 -16.10 27.12
CA ASP B 224 16.58 -16.19 25.79
C ASP B 224 16.69 -17.63 25.31
N TYR B 225 15.79 -18.50 25.76
CA TYR B 225 15.91 -19.92 25.43
C TYR B 225 15.70 -20.20 23.95
N PHE B 226 15.10 -19.27 23.21
CA PHE B 226 15.04 -19.39 21.75
C PHE B 226 16.44 -19.55 21.16
N ALA B 227 17.42 -18.82 21.72
CA ALA B 227 18.79 -18.92 21.24
C ALA B 227 19.32 -20.34 21.36
N GLY B 228 18.92 -21.06 22.41
CA GLY B 228 19.31 -22.45 22.53
C GLY B 228 18.72 -23.33 21.46
N ILE B 229 17.44 -23.10 21.12
CA ILE B 229 16.78 -23.89 20.09
C ILE B 229 17.47 -23.71 18.74
N VAL B 230 17.82 -22.47 18.41
CA VAL B 230 18.50 -22.19 17.14
C VAL B 230 19.89 -22.83 17.14
N THR B 231 20.60 -22.74 18.27
CA THR B 231 21.94 -23.32 18.34
C THR B 231 21.91 -24.82 18.14
N GLU B 232 20.94 -25.51 18.75
CA GLU B 232 20.79 -26.94 18.55
C GLU B 232 20.36 -27.24 17.12
N PHE B 233 19.48 -26.41 16.57
CA PHE B 233 19.06 -26.58 15.18
C PHE B 233 20.26 -26.54 14.24
N LEU B 234 21.17 -25.59 14.46
CA LEU B 234 22.37 -25.49 13.62
C LEU B 234 23.32 -26.66 13.87
N ALA B 235 23.47 -27.07 15.12
CA ALA B 235 24.35 -28.19 15.44
C ALA B 235 23.88 -29.49 14.81
N SER B 236 22.57 -29.61 14.58
CA SER B 236 22.01 -30.78 13.91
C SER B 236 22.28 -30.79 12.41
N GLY B 237 23.02 -29.82 11.88
CA GLY B 237 23.33 -29.78 10.46
C GLY B 237 22.32 -29.05 9.61
N GLN B 238 21.33 -28.41 10.21
CA GLN B 238 20.33 -27.66 9.49
C GLN B 238 20.65 -26.16 9.51
N GLY B 239 20.14 -25.47 8.49
CA GLY B 239 20.36 -24.04 8.34
C GLY B 239 21.74 -23.73 7.77
N ARG B 240 21.91 -22.46 7.41
CA ARG B 240 23.14 -22.00 6.80
C ARG B 240 23.64 -20.73 7.48
N GLN B 241 24.96 -20.58 7.51
CA GLN B 241 25.61 -19.42 8.13
C GLN B 241 26.62 -18.81 7.17
N GLY B 242 26.83 -17.51 7.35
CA GLY B 242 27.74 -16.76 6.51
C GLY B 242 27.58 -15.28 6.76
N LEU B 243 28.45 -14.51 6.14
CA LEU B 243 28.46 -13.07 6.33
C LEU B 243 27.55 -12.40 5.31
N ILE B 244 26.78 -11.41 5.79
CA ILE B 244 26.06 -10.48 4.94
C ILE B 244 26.66 -9.12 5.23
N GLY B 245 27.46 -8.62 4.31
CA GLY B 245 28.35 -7.52 4.66
C GLY B 245 29.30 -8.02 5.73
N ALA B 246 29.40 -7.26 6.81
CA ALA B 246 30.23 -7.65 7.95
C ALA B 246 29.45 -8.39 9.03
N ALA B 247 28.19 -8.72 8.77
CA ALA B 247 27.30 -9.23 9.81
C ALA B 247 27.24 -10.75 9.75
N PRO B 248 27.71 -11.46 10.77
CA PRO B 248 27.46 -12.91 10.85
C PRO B 248 25.96 -13.17 10.87
N SER B 249 25.52 -14.06 9.99
CA SER B 249 24.09 -14.22 9.76
C SER B 249 23.72 -15.70 9.75
N VAL B 250 22.44 -15.95 9.98
CA VAL B 250 21.88 -17.29 10.01
C VAL B 250 20.63 -17.29 9.14
N LEU B 251 20.52 -18.27 8.26
CA LEU B 251 19.36 -18.43 7.39
C LEU B 251 18.79 -19.80 7.67
N VAL B 252 17.51 -19.86 8.06
CA VAL B 252 16.88 -21.12 8.44
C VAL B 252 15.57 -21.26 7.70
N ASP B 253 15.20 -22.51 7.44
CA ASP B 253 13.93 -22.83 6.82
C ASP B 253 12.81 -22.69 7.86
N ALA B 254 11.76 -21.96 7.50
CA ALA B 254 10.71 -21.64 8.47
C ALA B 254 9.99 -22.89 8.95
N ALA B 255 9.61 -23.77 8.03
CA ALA B 255 8.91 -24.98 8.42
C ALA B 255 9.78 -25.89 9.27
N ALA B 256 11.08 -25.99 8.93
CA ALA B 256 11.98 -26.86 9.66
C ALA B 256 12.20 -26.37 11.08
N ILE B 257 12.49 -25.07 11.24
CA ILE B 257 12.74 -24.53 12.57
C ILE B 257 11.48 -24.56 13.44
N THR B 258 10.30 -24.44 12.81
CA THR B 258 9.06 -24.55 13.58
C THR B 258 8.87 -25.95 14.14
N ALA B 259 8.98 -26.97 13.28
CA ALA B 259 8.83 -28.35 13.74
C ALA B 259 9.88 -28.70 14.78
N PHE B 260 11.12 -28.26 14.57
CA PHE B 260 12.16 -28.48 15.58
C PHE B 260 11.80 -27.83 16.90
N GLY B 261 11.29 -26.60 16.87
CA GLY B 261 10.93 -25.92 18.10
C GLY B 261 9.78 -26.59 18.82
N VAL B 262 8.78 -27.05 18.07
CA VAL B 262 7.65 -27.76 18.67
C VAL B 262 8.15 -29.04 19.36
N THR B 263 8.95 -29.83 18.65
CA THR B 263 9.51 -31.05 19.24
C THR B 263 10.38 -30.73 20.45
N TRP B 264 11.24 -29.70 20.35
CA TRP B 264 12.10 -29.31 21.46
C TRP B 264 11.30 -29.02 22.71
N LEU B 265 10.21 -28.24 22.58
CA LEU B 265 9.39 -27.90 23.73
C LEU B 265 8.66 -29.10 24.28
N GLU B 266 8.17 -29.98 23.41
CA GLU B 266 7.37 -31.11 23.86
C GLU B 266 8.22 -32.20 24.50
N LYS B 267 9.50 -32.30 24.13
CA LYS B 267 10.39 -33.25 24.79
C LYS B 267 10.66 -32.83 26.23
N ARG B 268 10.69 -31.53 26.52
CA ARG B 268 11.14 -31.07 27.82
C ARG B 268 9.97 -30.86 28.78
N PHE B 269 8.80 -30.50 28.26
CA PHE B 269 7.67 -30.15 29.10
C PHE B 269 6.41 -30.93 28.78
N GLY B 270 6.47 -31.87 27.84
CA GLY B 270 5.29 -32.65 27.49
C GLY B 270 4.87 -33.61 28.59
N PHE C 8 -33.72 -9.92 -3.62
CA PHE C 8 -32.26 -10.03 -3.54
C PHE C 8 -31.84 -11.42 -3.09
N ALA C 9 -30.84 -11.98 -3.77
CA ALA C 9 -30.17 -13.18 -3.30
C ALA C 9 -29.01 -12.76 -2.40
N THR C 10 -28.90 -13.41 -1.24
CA THR C 10 -27.92 -12.99 -0.24
C THR C 10 -26.82 -14.03 -0.10
N ARG C 11 -25.77 -13.59 0.59
CA ARG C 11 -24.65 -14.46 0.97
C ARG C 11 -25.13 -15.70 1.71
N THR C 12 -26.10 -15.54 2.62
CA THR C 12 -26.59 -16.68 3.40
C THR C 12 -27.40 -17.63 2.54
N SER C 13 -28.30 -17.10 1.70
CA SER C 13 -29.17 -17.96 0.90
C SER C 13 -28.37 -18.72 -0.15
N LEU C 14 -27.36 -18.07 -0.74
CA LEU C 14 -26.53 -18.76 -1.72
C LEU C 14 -25.67 -19.84 -1.06
N ALA C 15 -25.16 -19.56 0.14
CA ALA C 15 -24.41 -20.58 0.88
C ALA C 15 -25.28 -21.77 1.18
N ALA C 16 -26.56 -21.54 1.49
CA ALA C 16 -27.50 -22.64 1.70
C ALA C 16 -27.72 -23.41 0.42
N ASP C 17 -27.87 -22.71 -0.71
CA ASP C 17 -28.01 -23.40 -1.98
C ASP C 17 -26.78 -24.25 -2.28
N LEU C 18 -25.59 -23.75 -1.93
CA LEU C 18 -24.36 -24.49 -2.20
C LEU C 18 -24.29 -25.76 -1.34
N ALA C 19 -24.65 -25.65 -0.07
CA ALA C 19 -24.68 -26.82 0.79
C ALA C 19 -25.70 -27.84 0.29
N ALA C 20 -26.87 -27.35 -0.15
CA ALA C 20 -27.89 -28.24 -0.67
C ALA C 20 -27.42 -28.99 -1.91
N LEU C 21 -26.60 -28.35 -2.73
CA LEU C 21 -26.12 -28.98 -3.96
C LEU C 21 -25.02 -30.01 -3.68
N GLY C 22 -24.33 -29.89 -2.54
CA GLY C 22 -23.33 -30.87 -2.17
C GLY C 22 -21.99 -30.31 -1.78
N LEU C 23 -21.81 -29.00 -1.87
CA LEU C 23 -20.56 -28.39 -1.44
C LEU C 23 -20.43 -28.50 0.08
N ALA C 24 -19.29 -29.00 0.55
CA ALA C 24 -19.14 -29.42 1.93
C ALA C 24 -17.97 -28.69 2.59
N TRP C 25 -18.03 -28.64 3.91
CA TRP C 25 -16.99 -28.06 4.74
C TRP C 25 -15.62 -28.63 4.39
N GLY C 26 -14.65 -27.73 4.18
CA GLY C 26 -13.29 -28.13 3.88
C GLY C 26 -13.00 -28.43 2.43
N ASP C 27 -13.99 -28.33 1.54
CA ASP C 27 -13.77 -28.64 0.14
C ASP C 27 -12.87 -27.61 -0.53
N ALA C 28 -12.10 -28.07 -1.51
CA ALA C 28 -11.42 -27.19 -2.45
C ALA C 28 -12.29 -27.13 -3.70
N ILE C 29 -12.87 -25.97 -3.99
CA ILE C 29 -13.92 -25.85 -4.98
C ILE C 29 -13.47 -24.89 -6.08
N MET C 30 -13.44 -25.38 -7.31
CA MET C 30 -13.15 -24.58 -8.48
C MET C 30 -14.47 -24.21 -9.16
N VAL C 31 -14.62 -22.94 -9.52
CA VAL C 31 -15.91 -22.40 -9.94
C VAL C 31 -15.81 -21.87 -11.36
N HIS C 32 -16.77 -22.25 -12.19
CA HIS C 32 -17.01 -21.65 -13.50
C HIS C 32 -18.42 -21.07 -13.46
N ALA C 33 -18.52 -19.74 -13.61
CA ALA C 33 -19.77 -19.05 -13.34
C ALA C 33 -20.22 -18.21 -14.53
N ALA C 34 -21.53 -18.14 -14.71
CA ALA C 34 -22.19 -17.14 -15.53
C ALA C 34 -23.00 -16.28 -14.55
N VAL C 35 -22.37 -15.22 -14.03
CA VAL C 35 -22.90 -14.50 -12.88
C VAL C 35 -24.29 -13.94 -13.17
N SER C 36 -24.57 -13.57 -14.42
CA SER C 36 -25.86 -12.97 -14.75
C SER C 36 -27.02 -13.93 -14.51
N ARG C 37 -26.79 -15.24 -14.51
CA ARG C 37 -27.85 -16.21 -14.28
C ARG C 37 -28.14 -16.46 -12.80
N VAL C 38 -27.27 -16.04 -11.88
CA VAL C 38 -27.51 -16.28 -10.47
C VAL C 38 -28.66 -15.42 -9.94
N GLY C 39 -28.91 -14.29 -10.58
CA GLY C 39 -29.96 -13.35 -10.20
C GLY C 39 -29.40 -12.12 -9.51
N ARG C 40 -30.31 -11.33 -8.94
CA ARG C 40 -29.93 -10.06 -8.34
C ARG C 40 -29.21 -10.32 -7.02
N LEU C 41 -27.96 -9.88 -6.95
CA LEU C 41 -27.10 -10.17 -5.81
C LEU C 41 -26.87 -8.89 -5.03
N LEU C 42 -26.91 -8.99 -3.70
CA LEU C 42 -26.84 -7.78 -2.89
C LEU C 42 -25.46 -7.15 -2.94
N ASP C 43 -24.40 -7.96 -3.07
CA ASP C 43 -23.03 -7.48 -3.23
C ASP C 43 -22.43 -7.92 -4.56
N GLY C 44 -23.22 -7.91 -5.62
CA GLY C 44 -22.75 -8.30 -6.93
C GLY C 44 -22.10 -9.67 -6.96
N PRO C 45 -21.07 -9.83 -7.80
CA PRO C 45 -20.36 -11.12 -7.85
C PRO C 45 -19.64 -11.50 -6.57
N ASP C 46 -19.28 -10.52 -5.73
CA ASP C 46 -18.60 -10.83 -4.49
C ASP C 46 -19.46 -11.64 -3.53
N THR C 47 -20.79 -11.54 -3.67
CA THR C 47 -21.68 -12.38 -2.88
C THR C 47 -21.45 -13.85 -3.17
N ILE C 48 -21.20 -14.20 -4.43
CA ILE C 48 -20.92 -15.59 -4.79
C ILE C 48 -19.63 -16.06 -4.13
N ILE C 49 -18.58 -15.23 -4.21
CA ILE C 49 -17.30 -15.59 -3.59
C ILE C 49 -17.47 -15.75 -2.08
N ALA C 50 -18.20 -14.82 -1.45
CA ALA C 50 -18.43 -14.91 -0.01
C ALA C 50 -19.19 -16.18 0.36
N ALA C 51 -20.26 -16.49 -0.39
CA ALA C 51 -21.05 -17.68 -0.10
C ALA C 51 -20.22 -18.94 -0.25
N LEU C 52 -19.33 -18.98 -1.26
CA LEU C 52 -18.47 -20.14 -1.44
C LEU C 52 -17.52 -20.31 -0.26
N ARG C 53 -16.95 -19.22 0.25
CA ARG C 53 -16.06 -19.33 1.40
C ARG C 53 -16.83 -19.70 2.67
N ASP C 54 -18.03 -19.15 2.85
CA ASP C 54 -18.83 -19.51 4.02
C ASP C 54 -19.19 -20.99 4.02
N THR C 55 -19.54 -21.53 2.86
CA THR C 55 -19.96 -22.93 2.80
C THR C 55 -18.79 -23.86 3.04
N VAL C 56 -17.59 -23.44 2.66
CA VAL C 56 -16.44 -24.31 2.57
C VAL C 56 -15.56 -24.16 3.82
N GLY C 57 -15.59 -22.98 4.43
CA GLY C 57 -14.95 -22.77 5.71
C GLY C 57 -13.47 -22.45 5.59
N PRO C 58 -12.85 -22.09 6.72
CA PRO C 58 -11.42 -21.71 6.69
C PRO C 58 -10.50 -22.82 6.22
N GLY C 59 -10.89 -24.08 6.36
CA GLY C 59 -10.07 -25.18 5.88
C GLY C 59 -10.20 -25.47 4.40
N GLY C 60 -11.20 -24.91 3.73
CA GLY C 60 -11.38 -25.11 2.31
C GLY C 60 -10.72 -24.03 1.46
N THR C 61 -10.83 -24.20 0.14
CA THR C 61 -10.23 -23.29 -0.82
C THR C 61 -11.17 -23.05 -1.99
N VAL C 62 -11.24 -21.80 -2.45
CA VAL C 62 -12.04 -21.42 -3.62
C VAL C 62 -11.08 -21.09 -4.75
N LEU C 63 -11.30 -21.71 -5.91
CA LEU C 63 -10.42 -21.54 -7.06
C LEU C 63 -11.23 -21.16 -8.30
N ALA C 64 -10.51 -20.60 -9.27
CA ALA C 64 -11.09 -20.30 -10.57
C ALA C 64 -9.98 -20.28 -11.62
N TYR C 65 -10.36 -20.47 -12.87
CA TYR C 65 -9.42 -20.43 -13.98
C TYR C 65 -9.23 -18.98 -14.41
N ALA C 66 -8.01 -18.47 -14.29
CA ALA C 66 -7.76 -17.07 -14.55
C ALA C 66 -7.34 -16.83 -16.00
N ASP C 67 -6.37 -17.59 -16.49
CA ASP C 67 -5.75 -17.32 -17.79
C ASP C 67 -5.22 -15.88 -17.72
N TRP C 68 -5.09 -15.21 -18.87
CA TRP C 68 -4.84 -13.79 -18.88
C TRP C 68 -5.11 -13.27 -20.29
N GLU C 69 -5.37 -11.96 -20.36
CA GLU C 69 -5.62 -11.26 -21.62
C GLU C 69 -4.27 -11.01 -22.29
N ALA C 70 -3.96 -11.80 -23.32
CA ALA C 70 -2.67 -11.59 -23.99
C ALA C 70 -2.96 -11.10 -25.40
N ARG C 71 -3.73 -10.01 -25.48
CA ARG C 71 -4.05 -9.37 -26.75
C ARG C 71 -2.86 -9.27 -27.70
N TYR C 72 -1.63 -9.28 -27.17
CA TYR C 72 -0.46 -9.26 -28.05
C TYR C 72 -0.41 -10.47 -28.97
N GLU C 73 -1.18 -11.51 -28.67
CA GLU C 73 -1.14 -12.72 -29.51
C GLU C 73 -1.71 -12.42 -30.89
N ASP C 74 -2.51 -11.36 -31.01
CA ASP C 74 -2.99 -10.88 -32.30
C ASP C 74 -1.86 -10.37 -33.20
N LEU C 75 -0.65 -10.23 -32.67
CA LEU C 75 0.52 -9.83 -33.45
C LEU C 75 1.28 -11.13 -33.67
N VAL C 76 0.81 -11.91 -34.63
CA VAL C 76 1.14 -13.32 -34.72
C VAL C 76 2.55 -13.55 -35.24
N ASP C 77 2.68 -13.84 -36.53
CA ASP C 77 3.79 -14.62 -37.08
C ASP C 77 3.45 -16.04 -36.66
N ASP C 78 3.44 -16.96 -37.62
CA ASP C 78 2.80 -18.25 -37.42
C ASP C 78 3.64 -19.21 -36.58
N ALA C 79 4.93 -18.91 -36.37
CA ALA C 79 5.75 -19.64 -35.43
C ALA C 79 5.50 -19.21 -33.98
N GLY C 80 4.60 -18.25 -33.76
CA GLY C 80 4.29 -17.77 -32.41
C GLY C 80 5.19 -16.70 -31.84
N ARG C 81 5.95 -15.99 -32.66
CA ARG C 81 6.91 -15.02 -32.14
C ARG C 81 6.42 -13.59 -32.33
N VAL C 82 6.80 -12.72 -31.41
CA VAL C 82 6.41 -11.31 -31.49
C VAL C 82 7.39 -10.58 -32.40
N PRO C 83 6.93 -9.76 -33.34
CA PRO C 83 7.87 -9.05 -34.21
C PRO C 83 8.79 -8.17 -33.38
N PRO C 84 10.04 -7.99 -33.83
CA PRO C 84 11.02 -7.26 -33.02
C PRO C 84 10.60 -5.83 -32.67
N GLU C 85 9.85 -5.16 -33.54
CA GLU C 85 9.40 -3.81 -33.21
C GLU C 85 8.49 -3.80 -32.00
N TRP C 86 7.82 -4.92 -31.72
CA TRP C 86 6.86 -5.00 -30.63
C TRP C 86 7.40 -5.64 -29.37
N ARG C 87 8.55 -6.31 -29.43
CA ARG C 87 8.96 -7.16 -28.32
C ARG C 87 9.02 -6.38 -27.01
N GLU C 88 9.41 -5.11 -27.05
CA GLU C 88 9.46 -4.31 -25.84
C GLU C 88 8.30 -3.32 -25.69
N HIS C 89 7.28 -3.41 -26.55
CA HIS C 89 6.00 -2.73 -26.35
C HIS C 89 4.88 -3.67 -25.93
N VAL C 90 5.15 -4.96 -25.84
CA VAL C 90 4.15 -5.94 -25.45
C VAL C 90 4.07 -5.99 -23.92
N PRO C 91 2.88 -5.84 -23.35
CA PRO C 91 2.77 -5.88 -21.88
C PRO C 91 3.14 -7.25 -21.36
N PRO C 92 4.14 -7.32 -20.48
CA PRO C 92 4.58 -8.62 -19.96
C PRO C 92 3.67 -9.14 -18.86
N PHE C 93 3.69 -10.46 -18.69
CA PHE C 93 2.86 -11.10 -17.67
C PHE C 93 3.45 -10.83 -16.29
N ASP C 94 2.58 -10.40 -15.37
CA ASP C 94 2.93 -10.23 -13.96
C ASP C 94 1.84 -10.95 -13.18
N PRO C 95 2.18 -12.01 -12.42
CA PRO C 95 1.13 -12.80 -11.76
C PRO C 95 0.26 -12.00 -10.80
N GLN C 96 0.79 -10.92 -10.21
N GLN C 96 0.80 -10.92 -10.22
CA GLN C 96 0.03 -10.12 -9.26
CA GLN C 96 0.05 -10.12 -9.26
C GLN C 96 -0.73 -8.98 -9.92
C GLN C 96 -0.77 -9.03 -9.93
N ARG C 97 -0.44 -8.65 -11.16
CA ARG C 97 -1.02 -7.50 -11.82
C ARG C 97 -1.81 -7.82 -13.09
N SER C 98 -1.40 -8.83 -13.85
CA SER C 98 -2.11 -9.18 -15.08
C SER C 98 -3.55 -9.59 -14.76
N ARG C 99 -4.48 -9.08 -15.56
CA ARG C 99 -5.88 -9.39 -15.36
C ARG C 99 -6.16 -10.83 -15.74
N ALA C 100 -7.23 -11.38 -15.17
CA ALA C 100 -7.75 -12.63 -15.66
C ALA C 100 -8.37 -12.39 -17.03
N ILE C 101 -8.35 -13.43 -17.87
CA ILE C 101 -8.92 -13.26 -19.21
C ILE C 101 -10.41 -12.95 -19.06
N ARG C 102 -10.93 -12.15 -19.97
CA ARG C 102 -12.32 -11.70 -19.90
C ARG C 102 -13.26 -12.69 -20.55
N ASP C 103 -12.72 -13.65 -21.30
CA ASP C 103 -13.54 -14.69 -21.88
C ASP C 103 -14.16 -15.56 -20.79
N ASN C 104 -13.50 -15.66 -19.63
CA ASN C 104 -13.95 -16.54 -18.57
C ASN C 104 -14.97 -15.88 -17.64
N GLY C 105 -15.37 -14.65 -17.89
CA GLY C 105 -16.38 -14.05 -17.05
C GLY C 105 -15.78 -13.14 -16.00
N VAL C 106 -16.68 -12.49 -15.26
CA VAL C 106 -16.27 -11.50 -14.28
C VAL C 106 -15.73 -12.19 -13.01
N LEU C 107 -16.21 -13.41 -12.71
CA LEU C 107 -15.90 -14.02 -11.42
C LEU C 107 -14.40 -14.30 -11.23
N PRO C 108 -13.67 -14.87 -12.20
CA PRO C 108 -12.22 -15.07 -11.96
C PRO C 108 -11.48 -13.79 -11.64
N GLU C 109 -11.81 -12.69 -12.31
CA GLU C 109 -11.15 -11.42 -12.02
C GLU C 109 -11.56 -10.88 -10.66
N PHE C 110 -12.84 -11.01 -10.29
CA PHE C 110 -13.26 -10.58 -8.96
C PHE C 110 -12.60 -11.43 -7.87
N LEU C 111 -12.42 -12.73 -8.12
CA LEU C 111 -11.71 -13.56 -7.14
C LEU C 111 -10.23 -13.21 -7.10
N ARG C 112 -9.64 -12.91 -8.26
CA ARG C 112 -8.21 -12.58 -8.31
C ARG C 112 -7.89 -11.35 -7.49
N THR C 113 -8.77 -10.35 -7.49
CA THR C 113 -8.56 -9.12 -6.75
C THR C 113 -9.17 -9.15 -5.35
N THR C 114 -9.56 -10.31 -4.87
CA THR C 114 -9.95 -10.43 -3.47
C THR C 114 -8.70 -10.57 -2.62
N PRO C 115 -8.53 -9.74 -1.59
CA PRO C 115 -7.31 -9.81 -0.76
C PRO C 115 -7.11 -11.20 -0.18
N GLY C 116 -5.90 -11.72 -0.33
CA GLY C 116 -5.55 -13.06 0.08
C GLY C 116 -5.49 -14.05 -1.05
N THR C 117 -6.04 -13.72 -2.21
CA THR C 117 -6.04 -14.63 -3.36
C THR C 117 -4.68 -14.63 -4.05
N LEU C 118 -4.19 -15.83 -4.37
CA LEU C 118 -2.94 -16.01 -5.11
C LEU C 118 -3.22 -16.51 -6.52
N ARG C 119 -2.23 -16.30 -7.40
CA ARG C 119 -2.36 -16.62 -8.82
C ARG C 119 -1.10 -17.30 -9.31
N SER C 120 -1.25 -18.44 -9.98
CA SER C 120 -0.10 -19.25 -10.37
C SER C 120 0.66 -18.61 -11.54
N GLY C 121 1.89 -19.10 -11.77
CA GLY C 121 2.85 -18.45 -12.62
C GLY C 121 2.82 -18.78 -14.10
N ASN C 122 2.05 -19.79 -14.51
CA ASN C 122 1.92 -20.09 -15.94
C ASN C 122 0.79 -19.21 -16.48
N PRO C 123 1.08 -18.21 -17.30
CA PRO C 123 0.04 -17.21 -17.64
C PRO C 123 -1.19 -17.79 -18.30
N GLY C 124 -1.04 -18.53 -19.40
CA GLY C 124 -2.19 -19.04 -20.12
C GLY C 124 -3.00 -20.04 -19.32
N ALA C 125 -2.34 -20.83 -18.47
CA ALA C 125 -3.00 -21.85 -17.66
C ALA C 125 -3.25 -21.39 -16.23
N SER C 126 -3.03 -20.11 -15.94
CA SER C 126 -3.01 -19.66 -14.55
C SER C 126 -4.34 -19.91 -13.86
N LEU C 127 -4.25 -20.40 -12.63
CA LEU C 127 -5.41 -20.49 -11.75
C LEU C 127 -5.26 -19.50 -10.62
N VAL C 128 -6.40 -19.10 -10.09
CA VAL C 128 -6.48 -18.25 -8.92
C VAL C 128 -7.04 -19.08 -7.77
N ALA C 129 -6.50 -18.87 -6.57
CA ALA C 129 -6.94 -19.65 -5.42
C ALA C 129 -6.98 -18.79 -4.17
N LEU C 130 -8.01 -19.02 -3.34
CA LEU C 130 -8.23 -18.28 -2.11
C LEU C 130 -8.69 -19.26 -1.06
N GLY C 131 -7.91 -19.40 0.01
CA GLY C 131 -8.32 -20.31 1.06
C GLY C 131 -7.12 -21.03 1.66
N ALA C 132 -7.41 -22.17 2.29
CA ALA C 132 -6.45 -22.82 3.17
C ALA C 132 -5.21 -23.31 2.43
N LYS C 133 -5.40 -23.87 1.23
CA LYS C 133 -4.28 -24.42 0.46
C LYS C 133 -3.97 -23.61 -0.79
N ALA C 134 -4.33 -22.33 -0.81
CA ALA C 134 -4.13 -21.51 -2.00
C ALA C 134 -2.66 -21.41 -2.39
N GLU C 135 -1.76 -21.28 -1.41
CA GLU C 135 -0.35 -21.17 -1.73
C GLU C 135 0.17 -22.44 -2.39
N TRP C 136 -0.25 -23.60 -1.86
CA TRP C 136 0.16 -24.88 -2.47
C TRP C 136 -0.44 -25.04 -3.86
N PHE C 137 -1.71 -24.69 -4.02
CA PHE C 137 -2.39 -24.88 -5.31
C PHE C 137 -1.71 -24.09 -6.41
N THR C 138 -1.25 -22.88 -6.11
CA THR C 138 -0.73 -21.95 -7.11
C THR C 138 0.79 -21.93 -7.20
N ALA C 139 1.48 -22.76 -6.43
CA ALA C 139 2.94 -22.74 -6.40
C ALA C 139 3.54 -23.59 -7.52
N ASP C 140 4.64 -23.09 -8.10
CA ASP C 140 5.49 -23.85 -9.01
C ASP C 140 4.72 -24.41 -10.20
N HIS C 141 3.88 -23.57 -10.80
CA HIS C 141 3.14 -23.98 -11.99
C HIS C 141 4.12 -24.20 -13.14
N PRO C 142 4.28 -25.42 -13.65
CA PRO C 142 5.24 -25.65 -14.75
C PRO C 142 4.86 -24.87 -15.99
N LEU C 143 5.88 -24.28 -16.63
CA LEU C 143 5.64 -23.44 -17.80
C LEU C 143 5.34 -24.26 -19.04
N ASP C 144 5.90 -25.46 -19.16
CA ASP C 144 5.54 -26.37 -20.23
C ASP C 144 4.47 -27.34 -19.74
N TYR C 145 3.48 -27.59 -20.58
CA TYR C 145 2.38 -28.50 -20.29
C TYR C 145 1.75 -28.17 -18.94
N GLY C 146 1.32 -26.92 -18.81
CA GLY C 146 0.80 -26.42 -17.55
C GLY C 146 -0.59 -26.92 -17.20
N TYR C 147 -1.10 -27.87 -17.98
CA TYR C 147 -2.33 -28.59 -17.64
C TYR C 147 -2.05 -30.03 -17.24
N GLY C 148 -0.77 -30.38 -17.06
CA GLY C 148 -0.42 -31.75 -16.77
C GLY C 148 0.05 -31.99 -15.35
N GLU C 149 1.11 -32.78 -15.20
CA GLU C 149 1.55 -33.19 -13.88
C GLU C 149 2.21 -32.03 -13.15
N GLY C 150 1.98 -31.97 -11.84
CA GLY C 150 2.47 -30.87 -11.03
C GLY C 150 1.70 -29.58 -11.19
N SER C 151 0.69 -29.54 -12.04
CA SER C 151 -0.08 -28.33 -12.29
C SER C 151 -1.11 -28.11 -11.20
N PRO C 152 -1.67 -26.91 -11.10
CA PRO C 152 -2.78 -26.69 -10.15
C PRO C 152 -3.96 -27.64 -10.39
N LEU C 153 -4.25 -27.95 -11.66
CA LEU C 153 -5.34 -28.87 -11.95
C LEU C 153 -5.05 -30.27 -11.41
N ALA C 154 -3.81 -30.74 -11.54
CA ALA C 154 -3.44 -32.01 -10.94
C ALA C 154 -3.59 -31.96 -9.43
N LYS C 155 -3.22 -30.83 -8.82
CA LYS C 155 -3.32 -30.69 -7.37
C LYS C 155 -4.77 -30.69 -6.92
N LEU C 156 -5.67 -30.12 -7.72
CA LEU C 156 -7.09 -30.19 -7.39
C LEU C 156 -7.57 -31.64 -7.37
N VAL C 157 -7.11 -32.44 -8.33
CA VAL C 157 -7.44 -33.86 -8.33
C VAL C 157 -6.85 -34.53 -7.11
N GLU C 158 -5.57 -34.27 -6.83
CA GLU C 158 -4.88 -34.90 -5.71
C GLU C 158 -5.57 -34.56 -4.39
N ALA C 159 -6.03 -33.33 -4.22
CA ALA C 159 -6.66 -32.91 -2.97
C ALA C 159 -8.11 -33.37 -2.85
N GLY C 160 -8.62 -34.13 -3.82
CA GLY C 160 -10.02 -34.52 -3.77
C GLY C 160 -10.97 -33.36 -3.92
N GLY C 161 -10.61 -32.36 -4.73
CA GLY C 161 -11.43 -31.18 -4.90
C GLY C 161 -12.64 -31.44 -5.76
N LYS C 162 -13.41 -30.36 -5.98
CA LYS C 162 -14.61 -30.41 -6.78
C LYS C 162 -14.66 -29.20 -7.71
N VAL C 163 -15.44 -29.34 -8.77
CA VAL C 163 -15.65 -28.27 -9.73
C VAL C 163 -17.14 -27.96 -9.77
N LEU C 164 -17.47 -26.68 -9.71
CA LEU C 164 -18.86 -26.21 -9.73
C LEU C 164 -19.08 -25.42 -11.01
N MET C 165 -20.03 -25.86 -11.83
CA MET C 165 -20.47 -25.11 -12.99
C MET C 165 -21.65 -24.25 -12.53
N LEU C 166 -21.37 -22.98 -12.25
CA LEU C 166 -22.35 -22.06 -11.67
C LEU C 166 -23.07 -21.33 -12.80
N GLY C 167 -24.05 -22.03 -13.39
CA GLY C 167 -24.74 -21.49 -14.54
C GLY C 167 -23.91 -21.42 -15.80
N ALA C 168 -22.65 -21.86 -15.74
CA ALA C 168 -21.74 -21.75 -16.88
C ALA C 168 -21.97 -22.88 -17.86
N PRO C 169 -21.74 -22.63 -19.16
CA PRO C 169 -21.82 -23.72 -20.14
C PRO C 169 -20.83 -24.82 -19.78
N LEU C 170 -21.29 -26.06 -19.93
CA LEU C 170 -20.54 -27.20 -19.42
C LEU C 170 -19.22 -27.42 -20.14
N ASP C 171 -19.06 -26.86 -21.35
CA ASP C 171 -17.81 -27.04 -22.08
C ASP C 171 -16.67 -26.19 -21.54
N THR C 172 -16.94 -25.28 -20.61
CA THR C 172 -15.91 -24.44 -20.00
C THR C 172 -15.23 -25.11 -18.81
N LEU C 173 -15.47 -26.40 -18.59
CA LEU C 173 -14.88 -27.10 -17.46
C LEU C 173 -13.38 -27.33 -17.72
N THR C 174 -12.56 -26.39 -17.24
CA THR C 174 -11.13 -26.39 -17.57
C THR C 174 -10.43 -27.68 -17.15
N LEU C 175 -10.90 -28.32 -16.08
CA LEU C 175 -10.24 -29.52 -15.58
C LEU C 175 -10.17 -30.62 -16.63
N LEU C 176 -11.12 -30.65 -17.56
CA LEU C 176 -11.08 -31.69 -18.60
C LEU C 176 -9.91 -31.51 -19.56
N HIS C 177 -9.29 -30.32 -19.59
CA HIS C 177 -8.02 -30.17 -20.31
C HIS C 177 -6.92 -31.00 -19.65
N HIS C 178 -7.00 -31.19 -18.32
CA HIS C 178 -6.06 -32.07 -17.64
C HIS C 178 -6.26 -33.52 -18.07
N ALA C 179 -7.52 -33.93 -18.25
CA ALA C 179 -7.79 -35.26 -18.80
C ALA C 179 -7.22 -35.40 -20.20
N GLU C 180 -7.34 -34.36 -21.03
CA GLU C 180 -6.72 -34.38 -22.35
C GLU C 180 -5.21 -34.59 -22.24
N HIS C 181 -4.57 -33.91 -21.29
CA HIS C 181 -3.13 -34.09 -21.10
C HIS C 181 -2.81 -35.52 -20.68
N LEU C 182 -3.61 -36.09 -19.78
CA LEU C 182 -3.32 -37.42 -19.23
C LEU C 182 -3.64 -38.53 -20.23
N ALA C 183 -4.58 -38.31 -21.13
CA ALA C 183 -5.06 -39.38 -22.00
C ALA C 183 -3.92 -39.94 -22.84
N ASP C 184 -3.85 -41.26 -22.92
CA ASP C 184 -2.82 -41.94 -23.73
C ASP C 184 -3.42 -42.15 -25.11
N ILE C 185 -3.31 -41.13 -25.96
CA ILE C 185 -3.90 -41.19 -27.30
C ILE C 185 -2.95 -40.55 -28.30
N PRO C 186 -2.98 -41.03 -29.53
CA PRO C 186 -2.10 -40.48 -30.57
C PRO C 186 -2.67 -39.23 -31.20
N GLY C 187 -1.81 -38.53 -31.95
CA GLY C 187 -2.24 -37.37 -32.70
C GLY C 187 -2.58 -36.16 -31.86
N LYS C 188 -1.99 -36.03 -30.69
CA LYS C 188 -2.25 -34.88 -29.84
C LYS C 188 -1.64 -33.62 -30.45
N ARG C 189 -2.43 -32.57 -30.50
CA ARG C 189 -2.00 -31.30 -31.08
C ARG C 189 -1.25 -30.48 -30.05
N ILE C 190 -0.15 -29.86 -30.49
CA ILE C 190 0.75 -29.14 -29.60
C ILE C 190 0.79 -27.67 -30.00
N LYS C 191 0.75 -26.79 -29.01
CA LYS C 191 0.86 -25.35 -29.21
C LYS C 191 2.18 -24.83 -28.65
N ARG C 192 2.85 -23.98 -29.42
CA ARG C 192 4.02 -23.25 -28.96
C ARG C 192 3.78 -21.75 -29.14
N ILE C 193 4.20 -20.97 -28.15
CA ILE C 193 3.98 -19.53 -28.20
C ILE C 193 5.04 -18.86 -27.33
N GLU C 194 5.52 -17.71 -27.81
CA GLU C 194 6.37 -16.86 -26.99
C GLU C 194 5.53 -16.14 -25.94
N VAL C 195 6.04 -16.10 -24.71
CA VAL C 195 5.31 -15.43 -23.64
C VAL C 195 6.25 -14.47 -22.93
N PRO C 196 5.85 -13.21 -22.76
CA PRO C 196 6.67 -12.23 -22.05
C PRO C 196 6.38 -12.16 -20.56
N PHE C 197 7.46 -12.11 -19.78
CA PHE C 197 7.39 -12.04 -18.32
C PHE C 197 8.03 -10.74 -17.85
N ALA C 198 7.33 -10.03 -16.96
CA ALA C 198 7.88 -8.84 -16.33
C ALA C 198 8.96 -9.18 -15.30
N THR C 199 10.13 -8.58 -15.43
CA THR C 199 11.25 -8.72 -14.52
C THR C 199 11.79 -7.33 -14.22
N PRO C 200 12.54 -7.16 -13.14
CA PRO C 200 13.12 -5.83 -12.84
C PRO C 200 14.02 -5.26 -13.93
N THR C 201 14.71 -6.09 -14.70
CA THR C 201 15.58 -5.60 -15.75
C THR C 201 14.90 -5.49 -17.11
N GLY C 202 13.60 -5.71 -17.18
CA GLY C 202 12.86 -5.64 -18.41
C GLY C 202 12.17 -6.95 -18.75
N THR C 203 11.53 -6.95 -19.91
CA THR C 203 10.76 -8.12 -20.33
C THR C 203 11.69 -9.28 -20.67
N GLN C 204 11.37 -10.46 -20.12
CA GLN C 204 12.07 -11.70 -20.42
C GLN C 204 11.08 -12.70 -20.99
N TRP C 205 11.55 -13.48 -21.97
CA TRP C 205 10.72 -14.36 -22.77
C TRP C 205 10.91 -15.84 -22.44
N ARG C 206 9.87 -16.62 -22.72
CA ARG C 206 9.85 -18.07 -22.48
C ARG C 206 9.05 -18.72 -23.60
N MET C 207 9.65 -19.68 -24.29
CA MET C 207 8.90 -20.53 -25.21
C MET C 207 8.11 -21.54 -24.39
N ILE C 208 6.80 -21.52 -24.54
CA ILE C 208 5.91 -22.41 -23.78
C ILE C 208 5.34 -23.44 -24.72
N GLU C 209 5.47 -24.71 -24.34
CA GLU C 209 4.97 -25.83 -25.10
C GLU C 209 3.91 -26.53 -24.26
N GLU C 210 2.79 -26.85 -24.88
CA GLU C 210 1.69 -27.50 -24.19
C GLU C 210 0.77 -28.10 -25.25
N PHE C 211 -0.07 -29.03 -24.82
CA PHE C 211 -1.16 -29.47 -25.67
C PHE C 211 -2.13 -28.32 -25.87
N ASP C 212 -2.55 -28.11 -27.10
CA ASP C 212 -3.36 -26.95 -27.45
C ASP C 212 -4.74 -27.09 -26.81
N THR C 213 -5.14 -26.08 -26.03
CA THR C 213 -6.42 -26.09 -25.35
C THR C 213 -7.46 -25.18 -26.00
N GLY C 214 -7.11 -24.49 -27.09
CA GLY C 214 -8.09 -23.71 -27.82
C GLY C 214 -9.00 -24.54 -28.72
N ASP C 215 -8.58 -25.75 -29.05
CA ASP C 215 -9.34 -26.68 -29.87
C ASP C 215 -9.25 -28.04 -29.20
N PRO C 216 -10.11 -28.99 -29.60
CA PRO C 216 -10.02 -30.34 -29.02
C PRO C 216 -8.63 -30.95 -29.21
N ILE C 217 -8.27 -31.82 -28.27
CA ILE C 217 -6.90 -32.33 -28.19
C ILE C 217 -6.50 -33.07 -29.45
N VAL C 218 -7.44 -33.74 -30.10
CA VAL C 218 -7.19 -34.45 -31.34
C VAL C 218 -8.28 -34.08 -32.34
N ALA C 219 -8.00 -34.35 -33.61
CA ALA C 219 -8.96 -34.05 -34.67
C ALA C 219 -10.15 -35.00 -34.60
N GLY C 220 -11.27 -34.53 -35.14
CA GLY C 220 -12.47 -35.34 -35.20
C GLY C 220 -13.43 -35.15 -34.06
N LEU C 221 -13.30 -34.07 -33.29
CA LEU C 221 -14.13 -33.81 -32.13
C LEU C 221 -14.82 -32.47 -32.28
N ALA C 222 -16.05 -32.39 -31.79
CA ALA C 222 -16.76 -31.11 -31.78
C ALA C 222 -16.07 -30.12 -30.86
N GLU C 223 -16.15 -28.83 -31.23
CA GLU C 223 -15.50 -27.78 -30.47
C GLU C 223 -15.94 -27.78 -29.01
N ASP C 224 -17.20 -28.12 -28.74
CA ASP C 224 -17.78 -28.10 -27.41
C ASP C 224 -17.96 -29.51 -26.82
N TYR C 225 -17.10 -30.44 -27.19
CA TYR C 225 -17.29 -31.84 -26.78
C TYR C 225 -17.11 -32.06 -25.28
N PHE C 226 -16.48 -31.13 -24.56
CA PHE C 226 -16.46 -31.23 -23.10
C PHE C 226 -17.86 -31.30 -22.53
N ALA C 227 -18.79 -30.51 -23.08
CA ALA C 227 -20.16 -30.51 -22.57
C ALA C 227 -20.82 -31.87 -22.71
N GLY C 228 -20.52 -32.59 -23.80
CA GLY C 228 -21.03 -33.94 -23.94
C GLY C 228 -20.48 -34.87 -22.88
N ILE C 229 -19.19 -34.71 -22.55
CA ILE C 229 -18.56 -35.54 -21.53
C ILE C 229 -19.23 -35.32 -20.17
N VAL C 230 -19.51 -34.06 -19.82
CA VAL C 230 -20.16 -33.78 -18.55
C VAL C 230 -21.58 -34.36 -18.54
N THR C 231 -22.29 -34.25 -19.67
CA THR C 231 -23.63 -34.81 -19.77
C THR C 231 -23.61 -36.32 -19.59
N GLU C 232 -22.64 -37.01 -20.20
CA GLU C 232 -22.52 -38.45 -20.02
C GLU C 232 -22.14 -38.79 -18.58
N PHE C 233 -21.27 -37.96 -17.97
CA PHE C 233 -20.91 -38.14 -16.57
C PHE C 233 -22.15 -38.10 -15.67
N LEU C 234 -23.02 -37.13 -15.90
CA LEU C 234 -24.24 -37.01 -15.11
C LEU C 234 -25.21 -38.14 -15.42
N ALA C 235 -25.32 -38.51 -16.69
CA ALA C 235 -26.22 -39.59 -17.07
C ALA C 235 -25.80 -40.92 -16.45
N SER C 236 -24.50 -41.09 -16.17
CA SER C 236 -24.02 -42.27 -15.49
C SER C 236 -24.34 -42.26 -14.00
N GLY C 237 -25.04 -41.23 -13.50
CA GLY C 237 -25.42 -41.17 -12.11
C GLY C 237 -24.42 -40.51 -11.20
N GLN C 238 -23.34 -39.95 -11.73
CA GLN C 238 -22.34 -39.28 -10.91
C GLN C 238 -22.57 -37.77 -10.93
N GLY C 239 -22.14 -37.10 -9.87
CA GLY C 239 -22.29 -35.66 -9.75
C GLY C 239 -23.71 -35.27 -9.41
N ARG C 240 -23.89 -33.99 -9.12
CA ARG C 240 -25.19 -33.47 -8.71
C ARG C 240 -25.53 -32.21 -9.50
N GLN C 241 -26.83 -32.00 -9.66
CA GLN C 241 -27.38 -30.84 -10.36
C GLN C 241 -28.38 -30.15 -9.46
N GLY C 242 -28.52 -28.85 -9.63
CA GLY C 242 -29.42 -28.07 -8.81
C GLY C 242 -29.19 -26.60 -9.02
N LEU C 243 -30.08 -25.81 -8.42
CA LEU C 243 -30.03 -24.37 -8.55
C LEU C 243 -29.17 -23.75 -7.46
N ILE C 244 -28.36 -22.78 -7.87
CA ILE C 244 -27.67 -21.89 -6.96
C ILE C 244 -28.21 -20.50 -7.27
N GLY C 245 -29.05 -19.98 -6.38
CA GLY C 245 -29.86 -18.84 -6.76
C GLY C 245 -30.77 -19.25 -7.89
N ALA C 246 -30.77 -18.46 -8.96
CA ALA C 246 -31.55 -18.77 -10.16
C ALA C 246 -30.74 -19.53 -11.21
N ALA C 247 -29.51 -19.95 -10.89
CA ALA C 247 -28.60 -20.49 -11.89
C ALA C 247 -28.62 -22.00 -11.86
N PRO C 248 -29.03 -22.66 -12.94
CA PRO C 248 -28.86 -24.12 -13.01
C PRO C 248 -27.39 -24.48 -12.93
N SER C 249 -27.06 -25.42 -12.04
CA SER C 249 -25.66 -25.65 -11.71
C SER C 249 -25.36 -27.14 -11.67
N VAL C 250 -24.07 -27.46 -11.79
CA VAL C 250 -23.55 -28.82 -11.75
C VAL C 250 -22.34 -28.84 -10.83
N LEU C 251 -22.30 -29.82 -9.92
CA LEU C 251 -21.17 -30.02 -9.02
C LEU C 251 -20.63 -31.43 -9.23
N VAL C 252 -19.34 -31.54 -9.56
CA VAL C 252 -18.72 -32.82 -9.85
C VAL C 252 -17.43 -32.95 -9.08
N ASP C 253 -17.07 -34.20 -8.77
CA ASP C 253 -15.81 -34.51 -8.11
C ASP C 253 -14.66 -34.41 -9.11
N ALA C 254 -13.60 -33.71 -8.72
CA ALA C 254 -12.49 -33.45 -9.65
C ALA C 254 -11.83 -34.76 -10.10
N ALA C 255 -11.57 -35.66 -9.15
CA ALA C 255 -10.92 -36.92 -9.48
C ALA C 255 -11.81 -37.79 -10.38
N ALA C 256 -13.12 -37.81 -10.11
CA ALA C 256 -14.02 -38.66 -10.89
C ALA C 256 -14.14 -38.17 -12.33
N ILE C 257 -14.41 -36.87 -12.52
CA ILE C 257 -14.62 -36.35 -13.86
C ILE C 257 -13.34 -36.43 -14.68
N THR C 258 -12.17 -36.34 -14.03
CA THR C 258 -10.91 -36.50 -14.75
C THR C 258 -10.76 -37.93 -15.28
N ALA C 259 -10.94 -38.91 -14.39
CA ALA C 259 -10.84 -40.31 -14.81
C ALA C 259 -11.89 -40.65 -15.87
N PHE C 260 -13.11 -40.14 -15.70
CA PHE C 260 -14.13 -40.31 -16.72
C PHE C 260 -13.69 -39.71 -18.05
N GLY C 261 -13.09 -38.51 -18.00
CA GLY C 261 -12.65 -37.88 -19.23
C GLY C 261 -11.51 -38.62 -19.91
N VAL C 262 -10.55 -39.12 -19.12
CA VAL C 262 -9.46 -39.90 -19.68
C VAL C 262 -9.99 -41.16 -20.35
N THR C 263 -10.86 -41.89 -19.64
CA THR C 263 -11.47 -43.08 -20.22
C THR C 263 -12.25 -42.76 -21.49
N TRP C 264 -13.03 -41.67 -21.45
CA TRP C 264 -13.80 -41.26 -22.62
C TRP C 264 -12.89 -41.05 -23.83
N LEU C 265 -11.77 -40.36 -23.63
CA LEU C 265 -10.83 -40.15 -24.73
C LEU C 265 -10.16 -41.45 -25.13
N GLU C 266 -9.81 -42.30 -24.15
CA GLU C 266 -9.10 -43.54 -24.44
C GLU C 266 -9.98 -44.61 -25.06
N LYS C 267 -11.30 -44.57 -24.85
CA LYS C 267 -12.17 -45.51 -25.54
C LYS C 267 -12.19 -45.23 -27.04
N ARG C 268 -12.07 -43.97 -27.44
CA ARG C 268 -12.27 -43.57 -28.82
C ARG C 268 -11.00 -43.50 -29.66
N PHE C 269 -9.88 -43.12 -29.06
CA PHE C 269 -8.66 -42.91 -29.83
C PHE C 269 -7.50 -43.73 -29.34
N GLY C 270 -7.56 -44.20 -28.10
CA GLY C 270 -6.50 -45.00 -27.56
C GLY C 270 -6.93 -46.44 -27.48
N THR C 271 -6.50 -47.11 -26.43
CA THR C 271 -6.67 -48.55 -26.37
C THR C 271 -6.76 -48.89 -24.89
N PRO C 272 -7.61 -49.83 -24.50
CA PRO C 272 -7.74 -50.17 -23.08
C PRO C 272 -6.76 -51.25 -22.62
N SER D 7 5.09 10.16 35.54
CA SER D 7 3.80 10.11 34.87
C SER D 7 3.97 10.14 33.35
N PHE D 8 2.94 9.75 32.63
CA PHE D 8 2.99 9.72 31.17
C PHE D 8 2.67 11.09 30.60
N ALA D 9 3.48 11.52 29.63
CA ALA D 9 3.17 12.71 28.87
C ALA D 9 2.29 12.32 27.70
N THR D 10 1.18 13.04 27.54
CA THR D 10 0.19 12.74 26.50
C THR D 10 0.16 13.84 25.47
N ARG D 11 -0.54 13.53 24.37
CA ARG D 11 -0.82 14.54 23.34
C ARG D 11 -1.49 15.77 23.95
N THR D 12 -2.36 15.55 24.94
CA THR D 12 -3.03 16.65 25.61
C THR D 12 -2.07 17.43 26.49
N SER D 13 -1.27 16.74 27.30
CA SER D 13 -0.38 17.42 28.25
C SER D 13 0.74 18.16 27.54
N LEU D 14 1.29 17.59 26.46
CA LEU D 14 2.34 18.28 25.73
C LEU D 14 1.83 19.52 25.03
N ALA D 15 0.61 19.46 24.50
CA ALA D 15 0.02 20.66 23.89
C ALA D 15 -0.11 21.78 24.92
N ALA D 16 -0.47 21.43 26.16
CA ALA D 16 -0.53 22.43 27.22
C ALA D 16 0.86 22.97 27.54
N ASP D 17 1.85 22.08 27.63
CA ASP D 17 3.23 22.52 27.85
C ASP D 17 3.72 23.42 26.72
N LEU D 18 3.36 23.10 25.48
CA LEU D 18 3.80 23.91 24.34
C LEU D 18 3.15 25.28 24.35
N ALA D 19 1.85 25.36 24.63
CA ALA D 19 1.19 26.65 24.72
C ALA D 19 1.75 27.49 25.87
N ALA D 20 2.03 26.85 27.00
CA ALA D 20 2.59 27.56 28.14
C ALA D 20 3.95 28.16 27.82
N LEU D 21 4.75 27.49 26.98
CA LEU D 21 6.09 27.98 26.65
C LEU D 21 6.06 29.13 25.66
N GLY D 22 4.97 29.28 24.90
CA GLY D 22 4.84 30.42 24.01
C GLY D 22 4.44 30.06 22.59
N LEU D 23 4.33 28.77 22.29
CA LEU D 23 3.84 28.37 20.98
C LEU D 23 2.37 28.72 20.88
N ALA D 24 1.98 29.38 19.80
CA ALA D 24 0.68 30.01 19.73
C ALA D 24 -0.10 29.49 18.54
N TRP D 25 -1.43 29.60 18.65
CA TRP D 25 -2.33 29.31 17.55
C TRP D 25 -1.89 30.01 16.28
N GLY D 26 -1.78 29.24 15.20
CA GLY D 26 -1.39 29.76 13.91
C GLY D 26 0.10 29.87 13.65
N ASP D 27 0.94 29.51 14.61
CA ASP D 27 2.39 29.62 14.43
C ASP D 27 2.93 28.63 13.40
N ALA D 28 4.00 29.03 12.72
CA ALA D 28 4.85 28.14 11.95
C ALA D 28 6.06 27.81 12.82
N ILE D 29 6.18 26.56 13.24
CA ILE D 29 7.14 26.16 14.27
C ILE D 29 8.09 25.11 13.69
N MET D 30 9.39 25.40 13.75
CA MET D 30 10.43 24.45 13.37
C MET D 30 10.97 23.80 14.63
N VAL D 31 11.08 22.47 14.61
CA VAL D 31 11.32 21.70 15.82
C VAL D 31 12.63 20.94 15.70
N HIS D 32 13.47 21.04 16.74
CA HIS D 32 14.63 20.20 16.94
C HIS D 32 14.42 19.46 18.25
N ALA D 33 14.33 18.13 18.19
CA ALA D 33 13.91 17.34 19.34
C ALA D 33 14.93 16.27 19.69
N ALA D 34 15.09 16.04 21.00
CA ALA D 34 15.76 14.87 21.56
C ALA D 34 14.66 14.10 22.30
N VAL D 35 14.03 13.17 21.59
CA VAL D 35 12.76 12.60 22.05
C VAL D 35 12.91 11.93 23.40
N SER D 36 14.07 11.30 23.65
CA SER D 36 14.26 10.58 24.91
C SER D 36 14.25 11.50 26.12
N ARG D 37 14.53 12.79 25.94
CA ARG D 37 14.56 13.73 27.06
C ARG D 37 13.17 14.16 27.50
N VAL D 38 12.14 13.91 26.69
CA VAL D 38 10.79 14.31 27.07
C VAL D 38 10.25 13.43 28.19
N GLY D 39 10.74 12.20 28.30
CA GLY D 39 10.27 11.33 29.34
C GLY D 39 9.29 10.30 28.83
N ARG D 40 8.53 9.74 29.77
CA ARG D 40 7.55 8.71 29.46
C ARG D 40 6.43 9.33 28.62
N LEU D 41 6.38 8.92 27.37
CA LEU D 41 5.48 9.47 26.37
C LEU D 41 4.55 8.36 25.88
N LEU D 42 3.26 8.69 25.75
CA LEU D 42 2.26 7.64 25.55
C LEU D 42 2.36 7.02 24.16
N ASP D 43 2.80 7.78 23.16
CA ASP D 43 3.11 7.24 21.85
C ASP D 43 4.61 7.44 21.64
N GLY D 44 5.03 7.63 20.40
CA GLY D 44 6.43 7.85 20.12
C GLY D 44 6.65 9.31 19.83
N PRO D 45 7.56 9.61 18.90
CA PRO D 45 7.70 11.01 18.46
C PRO D 45 6.42 11.54 17.82
N ASP D 46 5.52 10.64 17.39
CA ASP D 46 4.28 11.05 16.73
C ASP D 46 3.33 11.80 17.66
N THR D 47 3.33 11.50 18.97
CA THR D 47 2.54 12.33 19.89
C THR D 47 3.10 13.73 19.96
N ILE D 48 4.43 13.87 19.90
CA ILE D 48 5.03 15.20 19.85
C ILE D 48 4.55 15.93 18.61
N ILE D 49 4.57 15.24 17.47
CA ILE D 49 4.08 15.83 16.23
C ILE D 49 2.60 16.17 16.36
N ALA D 50 1.81 15.27 16.93
CA ALA D 50 0.39 15.53 17.13
C ALA D 50 0.17 16.73 18.03
N ALA D 51 0.90 16.81 19.14
CA ALA D 51 0.75 17.93 20.06
C ALA D 51 1.12 19.25 19.40
N LEU D 52 2.18 19.25 18.58
CA LEU D 52 2.57 20.47 17.87
C LEU D 52 1.49 20.91 16.89
N ARG D 53 0.90 19.95 16.17
CA ARG D 53 -0.16 20.28 15.23
C ARG D 53 -1.43 20.74 15.95
N ASP D 54 -1.77 20.09 17.06
CA ASP D 54 -2.91 20.54 17.84
C ASP D 54 -2.71 21.97 18.35
N THR D 55 -1.47 22.29 18.75
CA THR D 55 -1.20 23.59 19.35
C THR D 55 -1.31 24.72 18.31
N VAL D 56 -0.70 24.53 17.14
CA VAL D 56 -0.69 25.60 16.14
C VAL D 56 -2.00 25.69 15.37
N GLY D 57 -2.84 24.65 15.41
CA GLY D 57 -4.12 24.71 14.75
C GLY D 57 -4.01 24.51 13.24
N PRO D 58 -5.16 24.42 12.57
CA PRO D 58 -5.15 24.17 11.11
C PRO D 58 -4.45 25.26 10.30
N GLY D 59 -4.35 26.48 10.82
CA GLY D 59 -3.65 27.54 10.12
C GLY D 59 -2.15 27.53 10.28
N GLY D 60 -1.61 26.75 11.21
CA GLY D 60 -0.18 26.70 11.44
C GLY D 60 0.51 25.61 10.62
N THR D 61 1.83 25.58 10.76
CA THR D 61 2.69 24.65 10.04
C THR D 61 3.77 24.15 10.98
N VAL D 62 4.06 22.84 10.89
CA VAL D 62 5.13 22.21 11.66
C VAL D 62 6.24 21.84 10.69
N LEU D 63 7.46 22.26 11.02
CA LEU D 63 8.61 22.04 10.16
C LEU D 63 9.74 21.40 10.95
N ALA D 64 10.67 20.78 10.21
CA ALA D 64 11.88 20.24 10.79
C ALA D 64 12.97 20.21 9.72
N TYR D 65 14.21 20.11 10.18
CA TYR D 65 15.35 20.03 9.27
C TYR D 65 15.53 18.59 8.82
N ALA D 66 15.41 18.37 7.52
CA ALA D 66 15.45 17.01 7.00
C ALA D 66 16.87 16.58 6.61
N ASP D 67 17.57 17.40 5.82
CA ASP D 67 18.84 17.02 5.24
C ASP D 67 18.59 15.73 4.44
N TRP D 68 19.60 14.89 4.27
CA TRP D 68 19.41 13.54 3.77
C TRP D 68 20.67 12.76 4.04
N GLU D 69 20.53 11.44 4.11
CA GLU D 69 21.68 10.58 4.34
C GLU D 69 22.41 10.41 3.02
N ALA D 70 23.64 10.93 2.94
CA ALA D 70 24.40 10.95 1.70
C ALA D 70 25.39 9.80 1.62
N ARG D 71 26.25 9.63 2.63
CA ARG D 71 27.19 8.51 2.71
C ARG D 71 28.22 8.54 1.58
N TYR D 72 27.75 8.69 0.34
CA TYR D 72 28.62 8.74 -0.84
C TYR D 72 29.60 9.90 -0.77
N GLU D 73 29.38 10.83 0.15
CA GLU D 73 30.18 12.04 0.25
C GLU D 73 31.63 11.76 0.64
N ASP D 74 31.88 10.66 1.34
CA ASP D 74 33.25 10.28 1.71
C ASP D 74 34.11 9.87 0.52
N LEU D 75 33.56 9.76 -0.68
CA LEU D 75 34.34 9.28 -1.81
C LEU D 75 34.76 10.39 -2.77
N VAL D 76 34.63 11.66 -2.38
CA VAL D 76 34.90 12.73 -3.33
C VAL D 76 36.41 13.00 -3.36
N ASP D 77 36.86 13.57 -4.48
CA ASP D 77 38.27 13.75 -4.79
C ASP D 77 38.84 15.10 -4.36
N ASP D 78 38.16 15.82 -3.46
CA ASP D 78 38.45 17.21 -3.06
C ASP D 78 37.97 18.19 -4.13
N ALA D 79 37.73 17.73 -5.35
CA ALA D 79 37.01 18.57 -6.29
C ALA D 79 35.51 18.48 -6.02
N GLY D 80 35.11 17.62 -5.10
CA GLY D 80 33.73 17.41 -4.77
C GLY D 80 33.01 16.50 -5.74
N ARG D 81 33.74 15.83 -6.63
CA ARG D 81 33.15 14.99 -7.66
C ARG D 81 33.29 13.53 -7.28
N VAL D 82 32.31 12.73 -7.68
CA VAL D 82 32.28 11.30 -7.38
C VAL D 82 33.09 10.56 -8.44
N PRO D 83 33.95 9.64 -8.05
CA PRO D 83 34.73 8.88 -9.04
C PRO D 83 33.82 8.13 -9.99
N PRO D 84 34.26 7.93 -11.24
CA PRO D 84 33.40 7.27 -12.25
C PRO D 84 32.89 5.90 -11.85
N GLU D 85 33.66 5.17 -11.04
CA GLU D 85 33.24 3.82 -10.64
C GLU D 85 31.93 3.84 -9.84
N TRP D 86 31.60 4.96 -9.18
CA TRP D 86 30.43 5.08 -8.32
C TRP D 86 29.27 5.84 -8.96
N ARG D 87 29.49 6.51 -10.10
CA ARG D 87 28.54 7.52 -10.59
C ARG D 87 27.12 6.96 -10.78
N GLU D 88 26.99 5.72 -11.20
CA GLU D 88 25.71 5.11 -11.47
C GLU D 88 25.26 4.17 -10.34
N HIS D 89 26.01 4.12 -9.24
CA HIS D 89 25.62 3.30 -8.09
C HIS D 89 25.23 4.09 -6.85
N VAL D 90 25.31 5.42 -6.87
CA VAL D 90 24.90 6.24 -5.74
C VAL D 90 23.41 6.52 -5.86
N PRO D 91 22.60 6.21 -4.84
CA PRO D 91 21.16 6.48 -4.94
C PRO D 91 20.86 7.97 -5.04
N PRO D 92 20.11 8.39 -6.05
CA PRO D 92 19.85 9.81 -6.25
C PRO D 92 18.82 10.36 -5.27
N PHE D 93 18.91 11.66 -5.04
CA PHE D 93 17.98 12.33 -4.13
C PHE D 93 16.60 12.46 -4.77
N ASP D 94 15.58 12.04 -4.03
CA ASP D 94 14.18 12.20 -4.43
C ASP D 94 13.48 12.81 -3.22
N PRO D 95 12.95 14.03 -3.32
CA PRO D 95 12.39 14.68 -2.13
C PRO D 95 11.24 13.92 -1.49
N GLN D 96 10.51 13.11 -2.26
CA GLN D 96 9.37 12.37 -1.74
C GLN D 96 9.75 11.05 -1.10
N ARG D 97 10.99 10.60 -1.25
CA ARG D 97 11.38 9.23 -0.91
C ARG D 97 12.70 9.10 -0.17
N SER D 98 13.68 9.96 -0.41
CA SER D 98 14.92 9.90 0.35
C SER D 98 14.64 10.16 1.82
N ARG D 99 15.27 9.38 2.69
CA ARG D 99 15.06 9.56 4.11
C ARG D 99 15.63 10.88 4.58
N ALA D 100 15.07 11.41 5.65
CA ALA D 100 15.73 12.49 6.38
C ALA D 100 16.89 11.90 7.16
N ILE D 101 17.92 12.72 7.37
CA ILE D 101 19.08 12.27 8.13
C ILE D 101 18.66 12.01 9.57
N ARG D 102 19.25 10.98 10.17
CA ARG D 102 18.94 10.60 11.56
C ARG D 102 19.94 11.10 12.59
N ASP D 103 21.03 11.78 12.20
CA ASP D 103 22.01 12.21 13.20
C ASP D 103 21.40 13.09 14.28
N ASN D 104 20.40 13.89 13.95
CA ASN D 104 19.77 14.82 14.86
C ASN D 104 18.57 14.24 15.58
N GLY D 105 18.33 12.94 15.44
CA GLY D 105 17.21 12.27 16.05
C GLY D 105 16.14 11.88 15.03
N VAL D 106 15.18 11.11 15.53
CA VAL D 106 14.19 10.45 14.69
C VAL D 106 13.07 11.37 14.18
N LEU D 107 12.77 12.46 14.88
CA LEU D 107 11.55 13.20 14.58
C LEU D 107 11.45 13.73 13.15
N PRO D 108 12.51 14.28 12.53
CA PRO D 108 12.36 14.71 11.14
C PRO D 108 11.90 13.61 10.19
N GLU D 109 12.41 12.39 10.36
CA GLU D 109 11.99 11.29 9.50
C GLU D 109 10.55 10.88 9.79
N PHE D 110 10.17 10.87 11.07
CA PHE D 110 8.78 10.56 11.41
C PHE D 110 7.83 11.60 10.86
N LEU D 111 8.24 12.87 10.88
CA LEU D 111 7.42 13.91 10.30
C LEU D 111 7.37 13.77 8.78
N ARG D 112 8.50 13.41 8.16
CA ARG D 112 8.53 13.25 6.71
C ARG D 112 7.54 12.17 6.26
N THR D 113 7.37 11.11 7.05
CA THR D 113 6.45 10.03 6.71
C THR D 113 5.07 10.23 7.31
N THR D 114 4.77 11.41 7.83
CA THR D 114 3.40 11.75 8.20
C THR D 114 2.63 12.21 6.96
N PRO D 115 1.46 11.63 6.67
CA PRO D 115 0.71 12.03 5.48
C PRO D 115 0.44 13.53 5.46
N GLY D 116 0.74 14.16 4.33
CA GLY D 116 0.60 15.59 4.16
C GLY D 116 1.90 16.36 4.25
N THR D 117 2.96 15.75 4.78
CA THR D 117 4.24 16.44 4.90
C THR D 117 4.92 16.55 3.56
N LEU D 118 5.41 17.74 3.23
CA LEU D 118 6.18 17.98 2.03
C LEU D 118 7.64 18.23 2.39
N ARG D 119 8.51 18.05 1.40
CA ARG D 119 9.95 18.12 1.61
C ARG D 119 10.59 18.91 0.48
N SER D 120 11.44 19.87 0.85
CA SER D 120 12.00 20.80 -0.12
C SER D 120 13.07 20.12 -0.97
N GLY D 121 13.43 20.80 -2.08
CA GLY D 121 14.19 20.20 -3.16
C GLY D 121 15.69 20.28 -3.05
N ASN D 122 16.24 21.05 -2.11
CA ASN D 122 17.67 21.10 -1.87
C ASN D 122 18.01 20.00 -0.88
N PRO D 123 18.70 18.93 -1.28
CA PRO D 123 18.84 17.76 -0.39
C PRO D 123 19.52 18.06 0.93
N GLY D 124 20.73 18.63 0.90
CA GLY D 124 21.47 18.86 2.12
C GLY D 124 20.82 19.86 3.06
N ALA D 125 20.13 20.85 2.51
CA ALA D 125 19.46 21.89 3.28
C ALA D 125 17.96 21.62 3.44
N SER D 126 17.51 20.43 3.04
CA SER D 126 16.09 20.16 2.93
C SER D 126 15.36 20.30 4.25
N LEU D 127 14.18 20.91 4.20
CA LEU D 127 13.25 20.95 5.30
C LEU D 127 12.01 20.15 4.97
N VAL D 128 11.35 19.63 6.01
CA VAL D 128 10.04 19.01 5.89
C VAL D 128 9.04 19.96 6.52
N ALA D 129 7.85 20.04 5.93
CA ALA D 129 6.82 20.94 6.45
C ALA D 129 5.47 20.24 6.36
N LEU D 130 4.66 20.45 7.39
CA LEU D 130 3.33 19.85 7.47
C LEU D 130 2.37 20.89 8.03
N GLY D 131 1.38 21.28 7.22
CA GLY D 131 0.39 22.22 7.68
C GLY D 131 0.00 23.18 6.58
N ALA D 132 -0.54 24.33 7.00
CA ALA D 132 -1.23 25.23 6.08
C ALA D 132 -0.29 25.80 5.03
N LYS D 133 0.95 26.12 5.42
CA LYS D 133 1.91 26.72 4.50
C LYS D 133 3.02 25.75 4.13
N ALA D 134 2.77 24.45 4.21
CA ALA D 134 3.80 23.46 3.89
C ALA D 134 4.25 23.58 2.44
N GLU D 135 3.32 23.80 1.52
CA GLU D 135 3.69 23.95 0.11
C GLU D 135 4.54 25.19 -0.11
N TRP D 136 4.16 26.32 0.49
CA TRP D 136 4.93 27.54 0.31
C TRP D 136 6.32 27.42 0.94
N PHE D 137 6.41 26.84 2.13
CA PHE D 137 7.69 26.73 2.81
C PHE D 137 8.69 25.89 2.03
N THR D 138 8.21 24.82 1.38
CA THR D 138 9.09 23.85 0.74
C THR D 138 9.24 24.06 -0.76
N ALA D 139 8.62 25.10 -1.33
CA ALA D 139 8.66 25.30 -2.77
C ALA D 139 9.92 26.04 -3.21
N ASP D 140 10.49 25.59 -4.33
CA ASP D 140 11.54 26.31 -5.05
C ASP D 140 12.75 26.61 -4.16
N HIS D 141 13.20 25.59 -3.44
CA HIS D 141 14.40 25.70 -2.63
C HIS D 141 15.61 25.85 -3.53
N PRO D 142 16.34 26.97 -3.47
CA PRO D 142 17.52 27.13 -4.34
C PRO D 142 18.56 26.06 -4.05
N LEU D 143 19.11 25.49 -5.13
CA LEU D 143 20.04 24.37 -4.97
C LEU D 143 21.42 24.83 -4.53
N ASP D 144 21.86 26.02 -4.96
CA ASP D 144 23.08 26.62 -4.46
C ASP D 144 22.76 27.61 -3.34
N TYR D 145 23.58 27.61 -2.31
CA TYR D 145 23.41 28.48 -1.15
C TYR D 145 21.97 28.37 -0.62
N GLY D 146 21.57 27.14 -0.33
CA GLY D 146 20.23 26.79 0.09
C GLY D 146 19.89 27.17 1.51
N TYR D 147 20.79 27.90 2.19
CA TYR D 147 20.51 28.48 3.49
C TYR D 147 20.33 29.99 3.41
N GLY D 148 20.27 30.56 2.22
CA GLY D 148 20.19 31.99 2.04
C GLY D 148 18.86 32.52 1.55
N GLU D 149 18.91 33.31 0.47
CA GLU D 149 17.71 33.97 -0.04
C GLU D 149 16.77 32.96 -0.69
N GLY D 150 15.47 33.14 -0.45
CA GLY D 150 14.47 32.26 -1.04
C GLY D 150 14.45 30.86 -0.48
N SER D 151 15.24 30.57 0.54
CA SER D 151 15.27 29.25 1.14
C SER D 151 14.10 29.08 2.11
N PRO D 152 13.80 27.84 2.51
CA PRO D 152 12.79 27.64 3.57
C PRO D 152 13.13 28.38 4.85
N LEU D 153 14.41 28.43 5.23
CA LEU D 153 14.80 29.14 6.43
C LEU D 153 14.52 30.63 6.32
N ALA D 154 14.80 31.22 5.16
CA ALA D 154 14.45 32.62 4.93
C ALA D 154 12.95 32.84 5.02
N LYS D 155 12.17 31.91 4.47
CA LYS D 155 10.71 32.03 4.53
C LYS D 155 10.20 31.92 5.95
N LEU D 156 10.83 31.08 6.78
CA LEU D 156 10.45 31.00 8.19
C LEU D 156 10.62 32.35 8.88
N VAL D 157 11.72 33.05 8.59
CA VAL D 157 11.92 34.39 9.14
C VAL D 157 10.88 35.35 8.57
N GLU D 158 10.66 35.31 7.26
CA GLU D 158 9.71 36.21 6.62
C GLU D 158 8.31 36.05 7.18
N ALA D 159 7.90 34.80 7.44
CA ALA D 159 6.56 34.52 7.95
C ALA D 159 6.43 34.75 9.45
N GLY D 160 7.47 35.22 10.12
CA GLY D 160 7.41 35.40 11.56
C GLY D 160 7.30 34.12 12.36
N GLY D 161 7.93 33.05 11.90
CA GLY D 161 7.87 31.76 12.57
C GLY D 161 8.71 31.69 13.83
N LYS D 162 8.72 30.49 14.43
CA LYS D 162 9.47 30.22 15.65
C LYS D 162 10.22 28.90 15.51
N VAL D 163 11.25 28.75 16.35
CA VAL D 163 12.06 27.54 16.43
C VAL D 163 11.98 27.02 17.86
N LEU D 164 11.76 25.72 18.00
CA LEU D 164 11.67 25.07 19.30
C LEU D 164 12.83 24.10 19.46
N MET D 165 13.65 24.33 20.48
CA MET D 165 14.68 23.38 20.87
C MET D 165 14.05 22.48 21.93
N LEU D 166 13.54 21.32 21.50
CA LEU D 166 12.77 20.44 22.37
C LEU D 166 13.73 19.41 22.97
N GLY D 167 14.41 19.84 24.03
CA GLY D 167 15.43 19.02 24.66
C GLY D 167 16.69 18.83 23.86
N ALA D 168 16.75 19.41 22.67
CA ALA D 168 17.87 19.25 21.76
C ALA D 168 19.02 20.17 22.14
N PRO D 169 20.26 19.76 21.86
CA PRO D 169 21.39 20.65 22.11
C PRO D 169 21.24 21.95 21.32
N LEU D 170 21.56 23.06 21.98
CA LEU D 170 21.26 24.38 21.42
C LEU D 170 22.09 24.68 20.17
N ASP D 171 23.20 23.97 19.97
CA ASP D 171 24.03 24.19 18.80
C ASP D 171 23.44 23.60 17.53
N THR D 172 22.37 22.81 17.62
CA THR D 172 21.71 22.22 16.46
C THR D 172 20.67 23.12 15.82
N LEU D 173 20.60 24.39 16.23
CA LEU D 173 19.60 25.31 15.68
C LEU D 173 19.98 25.68 14.25
N THR D 174 19.42 24.96 13.27
CA THR D 174 19.83 25.11 11.88
C THR D 174 19.63 26.52 11.36
N LEU D 175 18.64 27.25 11.89
CA LEU D 175 18.36 28.60 11.37
C LEU D 175 19.57 29.53 11.49
N LEU D 176 20.45 29.31 12.47
CA LEU D 176 21.62 30.18 12.57
C LEU D 176 22.57 29.98 11.41
N HIS D 177 22.46 28.87 10.66
CA HIS D 177 23.19 28.76 9.40
C HIS D 177 22.68 29.80 8.40
N HIS D 178 21.42 30.19 8.51
CA HIS D 178 20.90 31.29 7.70
C HIS D 178 21.56 32.61 8.10
N ALA D 179 21.78 32.81 9.39
CA ALA D 179 22.51 33.99 9.86
C ALA D 179 23.94 34.00 9.33
N GLU D 180 24.60 32.82 9.32
CA GLU D 180 25.94 32.73 8.76
C GLU D 180 25.96 33.15 7.30
N HIS D 181 24.96 32.75 6.53
CA HIS D 181 24.89 33.16 5.12
C HIS D 181 24.72 34.67 5.00
N LEU D 182 23.85 35.26 5.83
CA LEU D 182 23.53 36.67 5.70
C LEU D 182 24.64 37.58 6.22
N ALA D 183 25.38 37.13 7.24
CA ALA D 183 26.35 38.00 7.89
C ALA D 183 27.43 38.44 6.91
N ASP D 184 27.73 39.74 6.92
CA ASP D 184 28.74 40.32 6.04
C ASP D 184 30.10 40.29 6.75
N ILE D 185 30.80 39.17 6.56
CA ILE D 185 32.12 38.98 7.16
C ILE D 185 33.03 38.30 6.13
N PRO D 186 34.33 38.58 6.22
CA PRO D 186 35.28 38.00 5.26
C PRO D 186 35.68 36.58 5.62
N GLY D 187 36.30 35.91 4.64
CA GLY D 187 36.85 34.59 4.88
C GLY D 187 35.83 33.52 5.13
N LYS D 188 34.62 33.66 4.60
CA LYS D 188 33.58 32.66 4.80
C LYS D 188 33.91 31.40 4.00
N ARG D 189 33.74 30.25 4.63
CA ARG D 189 34.13 28.99 4.03
C ARG D 189 33.06 28.45 3.10
N ILE D 190 33.50 27.92 1.95
CA ILE D 190 32.63 27.47 0.88
C ILE D 190 32.82 25.99 0.67
N LYS D 191 31.71 25.28 0.50
CA LYS D 191 31.73 23.85 0.20
C LYS D 191 31.18 23.61 -1.19
N ARG D 192 31.87 22.77 -1.97
CA ARG D 192 31.36 22.34 -3.26
C ARG D 192 31.36 20.82 -3.28
N ILE D 193 30.23 20.23 -3.66
CA ILE D 193 30.10 18.78 -3.67
C ILE D 193 29.10 18.39 -4.75
N GLU D 194 29.37 17.26 -5.40
CA GLU D 194 28.51 16.75 -6.44
C GLU D 194 27.36 15.95 -5.83
N VAL D 195 26.16 16.17 -6.33
CA VAL D 195 24.97 15.51 -5.79
C VAL D 195 24.13 14.91 -6.91
N PRO D 196 23.66 13.66 -6.76
CA PRO D 196 22.77 13.08 -7.77
C PRO D 196 21.31 13.38 -7.49
N PHE D 197 20.56 13.77 -8.53
CA PHE D 197 19.15 14.11 -8.41
C PHE D 197 18.30 13.15 -9.22
N ALA D 198 17.24 12.63 -8.61
CA ALA D 198 16.23 11.95 -9.39
C ALA D 198 15.44 13.02 -10.14
N THR D 199 15.47 12.95 -11.47
CA THR D 199 14.81 13.92 -12.32
C THR D 199 14.10 13.18 -13.44
N PRO D 200 13.18 13.85 -14.13
CA PRO D 200 12.68 13.27 -15.39
C PRO D 200 13.87 13.08 -16.30
N THR D 201 13.89 11.94 -17.01
CA THR D 201 14.90 11.47 -17.97
C THR D 201 16.02 10.69 -17.27
N GLY D 202 15.97 10.47 -15.97
CA GLY D 202 16.98 9.69 -15.28
C GLY D 202 17.75 10.49 -14.25
N THR D 203 18.73 9.82 -13.66
CA THR D 203 19.57 10.46 -12.66
C THR D 203 20.50 11.48 -13.32
N GLN D 204 20.52 12.69 -12.80
CA GLN D 204 21.42 13.72 -13.27
C GLN D 204 22.27 14.25 -12.12
N TRP D 205 23.54 14.50 -12.41
CA TRP D 205 24.50 14.97 -11.42
C TRP D 205 24.72 16.47 -11.56
N ARG D 206 24.92 17.12 -10.42
CA ARG D 206 25.04 18.56 -10.36
C ARG D 206 26.00 19.00 -9.27
N MET D 207 26.77 20.04 -9.58
CA MET D 207 27.63 20.66 -8.60
C MET D 207 26.84 21.66 -7.78
N ILE D 208 26.86 21.48 -6.46
CA ILE D 208 26.17 22.36 -5.51
C ILE D 208 27.20 23.12 -4.71
N GLU D 209 27.03 24.44 -4.65
CA GLU D 209 27.93 25.31 -3.92
C GLU D 209 27.14 26.04 -2.84
N GLU D 210 27.72 26.11 -1.64
CA GLU D 210 27.06 26.74 -0.50
C GLU D 210 28.14 27.08 0.51
N PHE D 211 27.80 27.94 1.47
CA PHE D 211 28.66 28.12 2.63
C PHE D 211 28.63 26.85 3.46
N ASP D 212 29.82 26.39 3.87
CA ASP D 212 29.92 25.11 4.58
C ASP D 212 29.29 25.25 5.95
N THR D 213 28.31 24.40 6.25
CA THR D 213 27.62 24.41 7.53
C THR D 213 28.05 23.27 8.43
N GLY D 214 29.00 22.44 8.00
CA GLY D 214 29.53 21.40 8.87
C GLY D 214 30.49 21.92 9.92
N ASP D 215 31.03 23.10 9.70
CA ASP D 215 31.93 23.80 10.62
C ASP D 215 31.47 25.24 10.70
N PRO D 216 31.97 26.00 11.67
CA PRO D 216 31.62 27.42 11.72
C PRO D 216 32.01 28.13 10.43
N ILE D 217 31.26 29.20 10.12
CA ILE D 217 31.40 29.84 8.81
C ILE D 217 32.79 30.42 8.62
N VAL D 218 33.43 30.88 9.70
CA VAL D 218 34.78 31.42 9.63
C VAL D 218 35.64 30.80 10.73
N ALA D 219 36.95 30.99 10.62
CA ALA D 219 37.89 30.48 11.59
C ALA D 219 37.77 31.21 12.92
N GLY D 220 38.18 30.53 13.98
CA GLY D 220 38.20 31.11 15.31
C GLY D 220 36.97 30.85 16.14
N LEU D 221 36.12 29.90 15.75
CA LEU D 221 34.88 29.63 16.47
C LEU D 221 34.84 28.18 16.91
N ALA D 222 34.37 27.96 18.13
CA ALA D 222 34.15 26.62 18.62
C ALA D 222 33.01 25.96 17.84
N GLU D 223 33.10 24.64 17.72
CA GLU D 223 32.11 23.86 16.99
C GLU D 223 30.70 24.16 17.44
N ASP D 224 30.50 24.43 18.73
CA ASP D 224 29.18 24.67 19.29
C ASP D 224 28.90 26.16 19.55
N TYR D 225 29.47 27.05 18.75
CA TYR D 225 29.30 28.47 19.02
C TYR D 225 27.86 28.91 18.80
N PHE D 226 27.07 28.13 18.06
CA PHE D 226 25.63 28.35 18.00
C PHE D 226 25.01 28.30 19.39
N ALA D 227 25.45 27.35 20.23
CA ALA D 227 24.90 27.24 21.57
C ALA D 227 25.18 28.48 22.41
N GLY D 228 26.36 29.10 22.21
CA GLY D 228 26.66 30.33 22.90
C GLY D 228 25.76 31.48 22.47
N ILE D 229 25.47 31.58 21.17
CA ILE D 229 24.62 32.65 20.66
C ILE D 229 23.24 32.58 21.29
N VAL D 230 22.68 31.36 21.38
CA VAL D 230 21.36 31.20 21.99
C VAL D 230 21.39 31.57 23.46
N THR D 231 22.46 31.19 24.16
CA THR D 231 22.58 31.52 25.58
C THR D 231 22.63 33.03 25.79
N GLU D 232 23.36 33.74 24.94
CA GLU D 232 23.38 35.20 25.02
C GLU D 232 22.02 35.79 24.66
N PHE D 233 21.37 35.21 23.66
CA PHE D 233 20.04 35.64 23.27
C PHE D 233 19.05 35.54 24.42
N LEU D 234 19.08 34.41 25.15
CA LEU D 234 18.19 34.25 26.28
C LEU D 234 18.58 35.18 27.43
N ALA D 235 19.88 35.35 27.67
CA ALA D 235 20.33 36.24 28.72
C ALA D 235 19.98 37.70 28.40
N SER D 236 19.89 38.06 27.12
CA SER D 236 19.51 39.41 26.73
C SER D 236 18.02 39.69 26.94
N GLY D 237 17.32 38.73 27.53
CA GLY D 237 15.90 38.88 27.83
C GLY D 237 14.98 38.43 26.72
N GLN D 238 15.51 37.89 25.64
CA GLN D 238 14.71 37.39 24.52
C GLN D 238 14.55 35.88 24.62
N GLY D 239 13.49 35.38 23.99
CA GLY D 239 13.21 33.95 24.00
C GLY D 239 12.59 33.47 25.29
N ARG D 240 12.18 32.20 25.28
CA ARG D 240 11.49 31.57 26.40
C ARG D 240 12.13 30.22 26.73
N GLN D 241 12.09 29.87 28.01
CA GLN D 241 12.59 28.59 28.48
C GLN D 241 11.52 27.93 29.35
N GLY D 242 11.51 26.60 29.33
CA GLY D 242 10.54 25.84 30.08
C GLY D 242 10.58 24.39 29.66
N LEU D 243 9.82 23.58 30.39
CA LEU D 243 9.80 22.15 30.16
C LEU D 243 8.71 21.77 29.16
N ILE D 244 9.05 20.86 28.25
CA ILE D 244 8.08 20.18 27.40
C ILE D 244 8.14 18.71 27.79
N GLY D 245 7.15 18.24 28.52
CA GLY D 245 7.31 16.97 29.22
C GLY D 245 8.44 17.13 30.23
N ALA D 246 9.40 16.21 30.21
CA ALA D 246 10.57 16.29 31.07
C ALA D 246 11.76 16.95 30.39
N ALA D 247 11.56 17.51 29.19
CA ALA D 247 12.67 17.98 28.38
C ALA D 247 12.85 19.49 28.55
N PRO D 248 13.99 19.95 29.07
CA PRO D 248 14.27 21.39 29.05
C PRO D 248 14.31 21.89 27.61
N SER D 249 13.56 22.96 27.37
CA SER D 249 13.32 23.41 26.00
C SER D 249 13.53 24.90 25.88
N VAL D 250 13.75 25.34 24.64
CA VAL D 250 13.95 26.75 24.31
C VAL D 250 13.07 27.07 23.11
N LEU D 251 12.34 28.18 23.20
CA LEU D 251 11.51 28.68 22.11
C LEU D 251 11.93 30.10 21.78
N VAL D 252 12.32 30.33 20.52
CA VAL D 252 12.80 31.63 20.09
C VAL D 252 12.07 32.04 18.81
N ASP D 253 11.94 33.34 18.63
CA ASP D 253 11.36 33.89 17.41
C ASP D 253 12.37 33.83 16.27
N ALA D 254 11.95 33.35 15.10
CA ALA D 254 12.88 33.11 14.01
C ALA D 254 13.57 34.39 13.55
N ALA D 255 12.81 35.48 13.40
CA ALA D 255 13.40 36.73 12.95
C ALA D 255 14.39 37.29 13.98
N ALA D 256 14.05 37.18 15.26
CA ALA D 256 14.90 37.76 16.30
C ALA D 256 16.25 37.05 16.39
N ILE D 257 16.22 35.72 16.46
CA ILE D 257 17.47 34.98 16.60
C ILE D 257 18.32 35.11 15.34
N THR D 258 17.70 35.29 14.18
CA THR D 258 18.47 35.51 12.96
C THR D 258 19.22 36.84 13.04
N ALA D 259 18.51 37.92 13.35
CA ALA D 259 19.15 39.24 13.46
C ALA D 259 20.20 39.24 14.58
N PHE D 260 19.87 38.62 15.72
CA PHE D 260 20.85 38.52 16.81
C PHE D 260 22.11 37.79 16.34
N GLY D 261 21.95 36.69 15.61
CA GLY D 261 23.10 35.96 15.13
C GLY D 261 23.91 36.73 14.10
N VAL D 262 23.23 37.44 13.20
CA VAL D 262 23.93 38.25 12.21
C VAL D 262 24.76 39.33 12.90
N THR D 263 24.13 40.08 13.81
CA THR D 263 24.84 41.10 14.56
C THR D 263 25.99 40.51 15.37
N TRP D 264 25.74 39.36 16.01
CA TRP D 264 26.78 38.67 16.77
C TRP D 264 27.98 38.37 15.88
N LEU D 265 27.72 37.83 14.68
CA LEU D 265 28.81 37.51 13.77
C LEU D 265 29.48 38.77 13.22
N GLU D 266 28.69 39.79 12.90
CA GLU D 266 29.25 41.00 12.30
C GLU D 266 29.97 41.87 13.31
N LYS D 267 29.64 41.75 14.59
CA LYS D 267 30.38 42.50 15.61
C LYS D 267 31.81 42.00 15.77
N ARG D 268 32.04 40.70 15.56
CA ARG D 268 33.35 40.12 15.84
C ARG D 268 34.25 40.01 14.63
N PHE D 269 33.72 39.78 13.43
CA PHE D 269 34.55 39.49 12.27
C PHE D 269 34.26 40.38 11.06
N GLY D 270 34.16 41.71 11.20
CA GLY D 270 34.29 42.49 12.41
C GLY D 270 33.72 43.86 12.13
#